data_1Z8H
#
_entry.id   1Z8H
#
_cell.length_a   64.504
_cell.length_b   69.806
_cell.length_c   211.028
_cell.angle_alpha   90.00
_cell.angle_beta   90.00
_cell.angle_gamma   90.00
#
_symmetry.space_group_name_H-M   'P 21 21 21'
#
loop_
_entity.id
_entity.type
_entity.pdbx_description
1 polymer 'Putative lipase from the G-D-S-L family'
2 non-polymer 'UNKNOWN LIGAND'
3 non-polymer 'ISOPROPYL ALCOHOL'
4 water water
#
_entity_poly.entity_id   1
_entity_poly.type   'polypeptide(L)'
_entity_poly.pdbx_seq_one_letter_code
;(MSE)GSDKIHHHHHH(MSE)TKQSKTQIRICFVGDSFVNGTGDPECLGWTGRVCVNANKKGYDVTYYNLGIRRDTSSDI
AKRWLQEVSLRLHKEYNSLVVFSFGLNDTTLENGKPRVSIAETIKNTREILTQAKKLYPVL(MSE)ISPAPYIEQQDPGR
RRRTIDLSQQLALVCQDLDVPYLDVFPLLEKPSVWLHEAKANDGVHPQAGGYTEFARIVENWDAWLNWFR
;
_entity_poly.pdbx_strand_id   A,B,C,D
#
loop_
_chem_comp.id
_chem_comp.type
_chem_comp.name
_chem_comp.formula
IPA non-polymer 'ISOPROPYL ALCOHOL' 'C3 H8 O'
UNL non-polymer 'UNKNOWN LIGAND' ?
#
# COMPACT_ATOMS: atom_id res chain seq x y z
N SER A 17 -43.76 5.39 8.87
CA SER A 17 -42.39 5.95 8.67
C SER A 17 -41.33 4.84 8.74
N LYS A 18 -40.23 5.02 8.01
CA LYS A 18 -39.25 3.95 7.87
C LYS A 18 -38.29 3.89 9.06
N THR A 19 -37.89 2.67 9.44
CA THR A 19 -36.81 2.47 10.40
C THR A 19 -35.43 2.71 9.76
N GLN A 20 -34.69 3.68 10.27
CA GLN A 20 -33.36 3.94 9.74
C GLN A 20 -32.34 2.95 10.28
N ILE A 21 -31.38 2.57 9.45
CA ILE A 21 -30.28 1.75 9.90
C ILE A 21 -29.04 2.05 9.04
N ARG A 22 -27.88 2.05 9.68
CA ARG A 22 -26.62 2.14 8.93
C ARG A 22 -25.88 0.84 9.10
N ILE A 23 -25.44 0.28 7.98
CA ILE A 23 -24.83 -1.05 7.94
C ILE A 23 -23.50 -0.97 7.23
N CYS A 24 -22.43 -1.38 7.93
CA CYS A 24 -21.14 -1.54 7.33
C CYS A 24 -20.90 -3.02 7.07
N PHE A 25 -20.55 -3.36 5.84
CA PHE A 25 -20.15 -4.70 5.45
C PHE A 25 -18.64 -4.72 5.23
N VAL A 26 -17.97 -5.58 5.98
CA VAL A 26 -16.51 -5.58 6.01
C VAL A 26 -16.03 -6.96 5.55
N GLY A 27 -15.27 -7.01 4.48
CA GLY A 27 -14.62 -8.24 4.07
C GLY A 27 -13.79 -8.07 2.81
N ASP A 28 -13.86 -9.09 1.98
CA ASP A 28 -13.00 -9.25 0.82
C ASP A 28 -13.80 -9.00 -0.45
N SER A 29 -13.36 -9.56 -1.58
CA SER A 29 -13.99 -9.36 -2.88
C SER A 29 -15.44 -9.71 -2.85
N PHE A 30 -15.83 -10.74 -2.10
CA PHE A 30 -17.21 -11.18 -2.11
C PHE A 30 -18.09 -10.16 -1.38
N VAL A 31 -17.52 -9.38 -0.45
CA VAL A 31 -18.23 -8.24 0.20
C VAL A 31 -18.32 -7.08 -0.78
N ASN A 32 -17.21 -6.80 -1.47
CA ASN A 32 -17.22 -5.78 -2.52
C ASN A 32 -18.24 -6.09 -3.60
N GLY A 33 -18.49 -7.36 -3.87
CA GLY A 33 -19.36 -7.71 -4.97
C GLY A 33 -18.66 -7.81 -6.30
N THR A 34 -17.35 -8.03 -6.24
CA THR A 34 -16.55 -8.16 -7.43
C THR A 34 -17.17 -9.20 -8.36
N GLY A 35 -17.32 -8.83 -9.65
CA GLY A 35 -17.89 -9.68 -10.67
C GLY A 35 -19.34 -9.35 -11.01
N ASP A 36 -20.04 -8.67 -10.09
CA ASP A 36 -21.45 -8.31 -10.29
C ASP A 36 -21.54 -7.08 -11.20
N PRO A 37 -22.04 -7.28 -12.40
CA PRO A 37 -22.11 -6.14 -13.31
C PRO A 37 -23.09 -5.03 -12.86
N GLU A 38 -23.97 -5.37 -11.95
CA GLU A 38 -24.95 -4.46 -11.37
C GLU A 38 -24.41 -3.62 -10.21
N CYS A 39 -23.17 -3.89 -9.80
CA CYS A 39 -22.47 -3.11 -8.78
C CYS A 39 -23.13 -3.10 -7.41
N LEU A 40 -23.81 -4.19 -7.08
CA LEU A 40 -24.46 -4.35 -5.78
C LEU A 40 -23.84 -5.44 -4.89
N GLY A 41 -23.39 -6.53 -5.50
CA GLY A 41 -23.04 -7.71 -4.76
C GLY A 41 -24.24 -8.26 -4.02
N TRP A 42 -23.99 -9.13 -3.06
CA TRP A 42 -25.06 -9.55 -2.17
C TRP A 42 -25.40 -8.46 -1.18
N THR A 43 -24.41 -7.68 -0.80
CA THR A 43 -24.59 -6.65 0.24
C THR A 43 -25.57 -5.57 -0.17
N GLY A 44 -25.40 -5.06 -1.38
CA GLY A 44 -26.34 -4.07 -1.90
C GLY A 44 -27.73 -4.64 -2.04
N ARG A 45 -27.80 -5.89 -2.48
CA ARG A 45 -29.08 -6.52 -2.64
C ARG A 45 -29.84 -6.69 -1.34
N VAL A 46 -29.18 -7.10 -0.26
CA VAL A 46 -29.89 -7.27 1.02
C VAL A 46 -30.37 -5.90 1.59
N CYS A 47 -29.64 -4.85 1.26
CA CYS A 47 -30.02 -3.49 1.61
C CYS A 47 -31.26 -3.04 0.85
N VAL A 48 -31.29 -3.33 -0.45
CA VAL A 48 -32.46 -3.05 -1.25
C VAL A 48 -33.68 -3.81 -0.71
N ASN A 49 -33.46 -5.04 -0.26
CA ASN A 49 -34.53 -5.84 0.28
C ASN A 49 -35.02 -5.23 1.62
N ALA A 50 -34.09 -4.81 2.47
CA ALA A 50 -34.45 -4.13 3.70
C ALA A 50 -35.26 -2.86 3.38
N ASN A 51 -34.86 -2.11 2.36
CA ASN A 51 -35.61 -0.89 2.00
C ASN A 51 -37.07 -1.21 1.65
N LYS A 52 -37.30 -2.32 0.96
CA LYS A 52 -38.65 -2.77 0.66
C LYS A 52 -39.39 -3.30 1.88
N LYS A 53 -38.68 -3.72 2.92
CA LYS A 53 -39.31 -4.27 4.11
C LYS A 53 -39.42 -3.23 5.21
N GLY A 54 -39.51 -1.95 4.86
CA GLY A 54 -39.71 -0.90 5.88
C GLY A 54 -38.50 -0.19 6.51
N TYR A 55 -37.29 -0.52 6.05
CA TYR A 55 -36.10 0.20 6.49
C TYR A 55 -35.71 1.31 5.54
N ASP A 56 -34.86 2.20 6.05
CA ASP A 56 -34.22 3.25 5.27
C ASP A 56 -32.70 3.09 5.55
N VAL A 57 -32.03 2.38 4.64
CA VAL A 57 -30.68 1.90 4.86
C VAL A 57 -29.64 2.85 4.32
N THR A 58 -28.66 3.15 5.17
CA THR A 58 -27.36 3.68 4.72
C THR A 58 -26.41 2.49 4.55
N TYR A 59 -26.02 2.30 3.29
CA TYR A 59 -25.26 1.15 2.84
C TYR A 59 -23.79 1.53 2.74
N TYR A 60 -22.98 0.99 3.66
CA TYR A 60 -21.53 1.15 3.63
C TYR A 60 -20.79 -0.15 3.28
N ASN A 61 -20.36 -0.23 2.03
CA ASN A 61 -19.57 -1.34 1.59
C ASN A 61 -18.11 -1.06 1.86
N LEU A 62 -17.50 -1.92 2.68
CA LEU A 62 -16.10 -1.82 3.02
C LEU A 62 -15.34 -3.13 2.69
N GLY A 63 -15.75 -3.79 1.62
CA GLY A 63 -15.02 -4.91 1.07
C GLY A 63 -13.82 -4.45 0.26
N ILE A 64 -12.73 -5.18 0.37
CA ILE A 64 -11.53 -4.89 -0.41
C ILE A 64 -11.04 -6.19 -1.02
N ARG A 65 -10.78 -6.16 -2.32
CA ARG A 65 -10.22 -7.33 -2.97
C ARG A 65 -8.89 -7.77 -2.33
N ARG A 66 -8.73 -9.10 -2.23
CA ARG A 66 -7.54 -9.78 -1.65
C ARG A 66 -7.43 -9.70 -0.12
N ASP A 67 -8.35 -9.02 0.56
CA ASP A 67 -8.24 -8.86 2.01
C ASP A 67 -8.29 -10.21 2.76
N THR A 68 -7.33 -10.37 3.68
CA THR A 68 -7.31 -11.45 4.66
C THR A 68 -7.83 -10.93 5.99
N SER A 69 -8.01 -11.86 6.93
CA SER A 69 -8.41 -11.50 8.27
C SER A 69 -7.39 -10.55 8.93
N SER A 70 -6.12 -10.58 8.53
CA SER A 70 -5.13 -9.66 9.07
C SER A 70 -5.29 -8.26 8.55
N ASP A 71 -5.60 -8.14 7.27
CA ASP A 71 -5.90 -6.84 6.66
C ASP A 71 -7.11 -6.23 7.36
N ILE A 72 -8.13 -7.06 7.57
CA ILE A 72 -9.35 -6.63 8.25
C ILE A 72 -9.11 -6.24 9.71
N ALA A 73 -8.37 -7.06 10.45
CA ALA A 73 -8.04 -6.75 11.82
C ALA A 73 -7.42 -5.38 11.92
N LYS A 74 -6.60 -5.01 10.95
CA LYS A 74 -5.85 -3.74 11.07
C LYS A 74 -6.65 -2.51 10.73
N ARG A 75 -7.62 -2.64 9.85
CA ARG A 75 -8.36 -1.44 9.37
C ARG A 75 -9.79 -1.27 9.90
N TRP A 76 -10.42 -2.35 10.35
CA TRP A 76 -11.91 -2.31 10.50
C TRP A 76 -12.37 -1.27 11.56
N LEU A 77 -11.64 -1.14 12.67
CA LEU A 77 -12.14 -0.35 13.77
C LEU A 77 -12.15 1.12 13.33
N GLN A 78 -11.05 1.59 12.76
CA GLN A 78 -11.01 3.00 12.37
CA GLN A 78 -10.87 2.95 12.23
C GLN A 78 -11.99 3.28 11.24
N GLU A 79 -12.22 2.35 10.31
CA GLU A 79 -13.14 2.63 9.22
C GLU A 79 -14.57 2.61 9.72
N VAL A 80 -14.95 1.61 10.48
CA VAL A 80 -16.32 1.48 10.91
C VAL A 80 -16.70 2.58 11.93
N SER A 81 -15.75 3.00 12.76
CA SER A 81 -16.00 3.99 13.79
C SER A 81 -16.43 5.35 13.22
N LEU A 82 -16.10 5.59 11.96
CA LEU A 82 -16.43 6.82 11.28
C LEU A 82 -17.84 6.77 10.66
N ARG A 83 -18.40 5.57 10.56
CA ARG A 83 -19.64 5.33 9.85
C ARG A 83 -20.82 4.84 10.71
N LEU A 84 -20.52 4.24 11.88
CA LEU A 84 -21.54 3.74 12.80
C LEU A 84 -21.44 4.49 14.09
N HIS A 85 -22.53 4.50 14.88
CA HIS A 85 -22.51 5.18 16.15
C HIS A 85 -23.53 4.59 17.11
N LYS A 86 -23.23 4.65 18.42
CA LYS A 86 -24.20 4.21 19.41
C LYS A 86 -25.50 5.02 19.36
N GLU A 87 -25.46 6.21 18.76
CA GLU A 87 -26.60 7.10 18.75
C GLU A 87 -27.68 6.80 17.73
N TYR A 88 -27.38 5.99 16.73
CA TYR A 88 -28.39 5.55 15.78
C TYR A 88 -28.24 4.05 15.50
N ASN A 89 -29.28 3.47 14.92
CA ASN A 89 -29.29 2.05 14.56
C ASN A 89 -28.13 1.76 13.65
N SER A 90 -27.31 0.85 14.10
CA SER A 90 -26.01 0.52 13.49
C SER A 90 -25.82 -0.99 13.49
N LEU A 91 -25.13 -1.49 12.46
CA LEU A 91 -24.88 -2.93 12.29
C LEU A 91 -23.60 -3.08 11.50
N VAL A 92 -22.70 -3.91 12.02
CA VAL A 92 -21.54 -4.32 11.26
C VAL A 92 -21.60 -5.81 10.90
N VAL A 93 -21.31 -6.12 9.63
CA VAL A 93 -21.36 -7.49 9.13
C VAL A 93 -20.03 -7.86 8.56
N PHE A 94 -19.41 -8.91 9.09
CA PHE A 94 -18.13 -9.34 8.60
C PHE A 94 -18.26 -10.60 7.75
N SER A 95 -17.45 -10.69 6.70
CA SER A 95 -17.33 -11.94 5.92
C SER A 95 -15.94 -12.02 5.27
N PHE A 96 -15.14 -12.98 5.70
CA PHE A 96 -13.76 -13.07 5.24
C PHE A 96 -13.22 -14.48 5.52
N GLY A 97 -12.00 -14.74 5.04
CA GLY A 97 -11.32 -16.01 5.30
C GLY A 97 -10.86 -16.75 4.08
N LEU A 98 -11.56 -16.60 2.95
CA LEU A 98 -11.06 -17.16 1.72
C LEU A 98 -9.60 -16.81 1.43
N ASN A 99 -9.26 -15.53 1.55
CA ASN A 99 -7.92 -15.10 1.22
C ASN A 99 -6.88 -15.58 2.21
N ASP A 100 -7.26 -15.78 3.47
CA ASP A 100 -6.35 -16.38 4.46
C ASP A 100 -5.78 -17.69 3.94
N THR A 101 -6.63 -18.48 3.32
CA THR A 101 -6.27 -19.83 3.01
C THR A 101 -5.57 -19.99 1.63
N THR A 102 -5.51 -18.91 0.86
CA THR A 102 -4.78 -18.91 -0.39
C THR A 102 -3.33 -19.30 -0.13
N LEU A 103 -2.83 -20.21 -0.94
CA LEU A 103 -1.44 -20.63 -0.82
C LEU A 103 -0.54 -19.65 -1.55
N GLU A 104 0.45 -19.09 -0.85
CA GLU A 104 1.50 -18.33 -1.50
C GLU A 104 2.83 -18.96 -1.21
N ASN A 105 3.56 -19.23 -2.29
CA ASN A 105 4.82 -19.92 -2.21
C ASN A 105 4.63 -21.13 -1.30
N GLY A 106 3.54 -21.88 -1.50
CA GLY A 106 3.29 -23.15 -0.80
C GLY A 106 2.63 -23.10 0.57
N LYS A 107 2.36 -21.93 1.12
CA LYS A 107 1.67 -21.92 2.40
C LYS A 107 0.56 -20.88 2.48
N PRO A 108 -0.38 -21.12 3.37
CA PRO A 108 -1.47 -20.17 3.51
C PRO A 108 -0.98 -18.77 3.74
N ARG A 109 -1.65 -17.79 3.12
CA ARG A 109 -1.34 -16.38 3.37
C ARG A 109 -1.37 -16.03 4.89
N VAL A 110 -2.34 -16.60 5.58
CA VAL A 110 -2.49 -16.43 7.04
C VAL A 110 -2.67 -17.82 7.63
N SER A 111 -1.91 -18.14 8.65
CA SER A 111 -2.04 -19.48 9.28
C SER A 111 -3.40 -19.60 9.96
N ILE A 112 -3.90 -20.82 10.06
CA ILE A 112 -5.19 -21.04 10.72
C ILE A 112 -5.18 -20.47 12.15
N ALA A 113 -4.08 -20.63 12.88
CA ALA A 113 -3.98 -20.05 14.23
C ALA A 113 -4.13 -18.53 14.19
N GLU A 114 -3.50 -17.87 13.23
CA GLU A 114 -3.63 -16.43 13.09
CA GLU A 114 -3.63 -16.42 13.07
C GLU A 114 -5.04 -16.01 12.65
N THR A 115 -5.68 -16.78 11.76
CA THR A 115 -7.03 -16.44 11.36
C THR A 115 -7.92 -16.42 12.59
N ILE A 116 -7.80 -17.45 13.41
CA ILE A 116 -8.62 -17.58 14.62
C ILE A 116 -8.34 -16.42 15.58
N LYS A 117 -7.06 -16.14 15.80
CA LYS A 117 -6.69 -15.01 16.65
C LYS A 117 -7.28 -13.69 16.12
N ASN A 118 -7.18 -13.45 14.82
CA ASN A 118 -7.65 -12.22 14.25
C ASN A 118 -9.16 -12.13 14.43
N THR A 119 -9.84 -13.23 14.17
CA THR A 119 -11.30 -13.26 14.21
C THR A 119 -11.78 -12.98 15.63
N ARG A 120 -11.19 -13.65 16.61
CA ARG A 120 -11.54 -13.37 18.00
C ARG A 120 -11.35 -11.89 18.34
N GLU A 121 -10.25 -11.30 17.92
CA GLU A 121 -9.95 -9.91 18.27
C GLU A 121 -10.94 -8.96 17.61
N ILE A 122 -11.18 -9.19 16.33
CA ILE A 122 -12.11 -8.36 15.55
C ILE A 122 -13.51 -8.45 16.18
N LEU A 123 -13.99 -9.67 16.37
CA LEU A 123 -15.37 -9.86 16.85
C LEU A 123 -15.53 -9.41 18.30
N THR A 124 -14.53 -9.62 19.13
CA THR A 124 -14.65 -9.24 20.52
C THR A 124 -14.73 -7.71 20.63
N GLN A 125 -13.86 -7.01 19.91
CA GLN A 125 -13.90 -5.53 19.89
C GLN A 125 -15.19 -5.00 19.31
N ALA A 126 -15.61 -5.55 18.18
CA ALA A 126 -16.84 -5.15 17.49
C ALA A 126 -18.13 -5.33 18.29
N LYS A 127 -18.33 -6.52 18.88
CA LYS A 127 -19.55 -6.79 19.63
C LYS A 127 -19.73 -5.89 20.85
N LYS A 128 -18.63 -5.31 21.32
CA LYS A 128 -18.64 -4.44 22.48
C LYS A 128 -19.18 -3.07 22.08
N LEU A 129 -19.17 -2.78 20.79
CA LEU A 129 -19.52 -1.47 20.21
C LEU A 129 -20.83 -1.42 19.43
N TYR A 130 -21.12 -2.46 18.66
CA TYR A 130 -22.21 -2.45 17.72
C TYR A 130 -22.79 -3.83 17.59
N PRO A 131 -24.04 -3.91 17.15
CA PRO A 131 -24.58 -5.15 16.72
C PRO A 131 -23.69 -5.72 15.60
N VAL A 132 -23.44 -7.03 15.64
CA VAL A 132 -22.54 -7.67 14.71
C VAL A 132 -23.04 -9.05 14.25
N LEU A 133 -22.76 -9.33 12.98
CA LEU A 133 -23.03 -10.58 12.32
C LEU A 133 -21.78 -11.03 11.58
N MSE A 134 -21.60 -12.33 11.50
CA MSE A 134 -20.54 -12.89 10.71
C MSE A 134 -21.10 -13.90 9.67
O MSE A 134 -21.99 -14.69 9.97
CB MSE A 134 -19.54 -13.54 11.61
CG MSE A 134 -18.68 -14.50 10.89
SE MSE A 134 -16.86 -14.35 11.43
CE MSE A 134 -16.69 -13.02 10.31
N ILE A 135 -20.57 -13.81 8.45
CA ILE A 135 -20.95 -14.74 7.38
C ILE A 135 -19.72 -15.51 6.90
N SER A 136 -19.89 -16.81 6.69
CA SER A 136 -18.79 -17.67 6.31
C SER A 136 -18.16 -17.30 4.97
N PRO A 137 -16.98 -17.84 4.70
CA PRO A 137 -16.48 -17.84 3.34
C PRO A 137 -17.45 -18.51 2.36
N ALA A 138 -17.39 -18.08 1.11
CA ALA A 138 -18.18 -18.68 0.04
C ALA A 138 -17.28 -19.54 -0.84
N PRO A 139 -17.86 -20.49 -1.61
CA PRO A 139 -17.06 -21.40 -2.41
C PRO A 139 -16.16 -20.75 -3.46
N TYR A 140 -14.99 -21.34 -3.61
CA TYR A 140 -14.03 -21.02 -4.65
C TYR A 140 -13.27 -22.30 -4.97
N ILE A 141 -13.36 -22.73 -6.23
CA ILE A 141 -12.67 -23.89 -6.72
C ILE A 141 -11.54 -23.39 -7.60
N GLU A 142 -10.34 -23.83 -7.27
CA GLU A 142 -9.12 -23.37 -7.93
C GLU A 142 -8.34 -24.59 -8.37
N GLN A 143 -8.28 -24.82 -9.69
CA GLN A 143 -7.69 -26.05 -10.26
C GLN A 143 -6.28 -26.35 -9.74
N GLN A 144 -5.42 -25.34 -9.62
N GLN A 144 -5.46 -25.30 -9.61
CA GLN A 144 -4.04 -25.57 -9.16
CA GLN A 144 -4.07 -25.42 -9.14
C GLN A 144 -3.94 -25.76 -7.63
C GLN A 144 -3.97 -25.82 -7.66
N ASP A 145 -5.06 -25.63 -6.91
CA ASP A 145 -5.09 -25.82 -5.48
C ASP A 145 -6.29 -26.75 -5.11
N PRO A 146 -6.15 -28.07 -5.33
CA PRO A 146 -7.18 -29.06 -5.00
C PRO A 146 -7.55 -29.04 -3.51
N GLY A 147 -6.59 -28.62 -2.69
CA GLY A 147 -6.79 -28.54 -1.24
C GLY A 147 -7.66 -27.43 -0.73
N ARG A 148 -7.98 -26.44 -1.59
CA ARG A 148 -8.64 -25.22 -1.15
C ARG A 148 -9.98 -25.46 -0.45
N ARG A 149 -10.79 -26.34 -1.03
CA ARG A 149 -12.12 -26.55 -0.49
C ARG A 149 -12.06 -27.12 0.92
N ARG A 150 -11.24 -28.14 1.15
CA ARG A 150 -11.11 -28.70 2.49
C ARG A 150 -10.56 -27.66 3.48
N ARG A 151 -9.54 -26.91 3.08
CA ARG A 151 -8.97 -25.90 3.97
C ARG A 151 -10.02 -24.84 4.34
N THR A 152 -10.84 -24.46 3.35
CA THR A 152 -11.88 -23.49 3.52
C THR A 152 -12.95 -23.98 4.50
N ILE A 153 -13.34 -25.25 4.35
CA ILE A 153 -14.36 -25.81 5.23
C ILE A 153 -13.81 -25.91 6.65
N ASP A 154 -12.55 -26.33 6.79
CA ASP A 154 -11.91 -26.47 8.10
C ASP A 154 -11.81 -25.09 8.76
N LEU A 155 -11.50 -24.06 7.96
CA LEU A 155 -11.41 -22.69 8.45
C LEU A 155 -12.80 -22.21 8.89
N SER A 156 -13.80 -22.46 8.07
CA SER A 156 -15.15 -22.08 8.41
C SER A 156 -15.62 -22.68 9.74
N GLN A 157 -15.31 -23.94 9.96
CA GLN A 157 -15.65 -24.61 11.22
C GLN A 157 -15.01 -23.93 12.42
N GLN A 158 -13.78 -23.46 12.27
CA GLN A 158 -13.10 -22.74 13.35
C GLN A 158 -13.70 -21.36 13.60
N LEU A 159 -14.09 -20.67 12.52
CA LEU A 159 -14.81 -19.39 12.64
C LEU A 159 -16.14 -19.58 13.37
N ALA A 160 -16.86 -20.63 13.01
CA ALA A 160 -18.11 -20.93 13.68
C ALA A 160 -17.95 -21.14 15.20
N LEU A 161 -16.86 -21.78 15.58
CA LEU A 161 -16.55 -22.05 16.99
C LEU A 161 -16.23 -20.77 17.74
N VAL A 162 -15.47 -19.89 17.10
CA VAL A 162 -15.18 -18.61 17.71
C VAL A 162 -16.51 -17.89 17.92
N CYS A 163 -17.35 -17.85 16.87
CA CYS A 163 -18.62 -17.13 16.95
C CYS A 163 -19.48 -17.68 18.10
N GLN A 164 -19.52 -19.02 18.24
CA GLN A 164 -20.26 -19.67 19.30
C GLN A 164 -19.70 -19.31 20.67
N ASP A 165 -18.37 -19.23 20.78
CA ASP A 165 -17.72 -18.83 22.00
CA ASP A 165 -17.71 -18.82 22.02
C ASP A 165 -18.07 -17.37 22.39
N LEU A 166 -18.35 -16.53 21.40
CA LEU A 166 -18.58 -15.08 21.61
C LEU A 166 -20.03 -14.61 21.50
N ASP A 167 -20.95 -15.53 21.34
CA ASP A 167 -22.37 -15.21 21.10
C ASP A 167 -22.54 -14.31 19.90
N VAL A 168 -21.78 -14.55 18.86
CA VAL A 168 -21.94 -13.83 17.60
C VAL A 168 -22.62 -14.77 16.62
N PRO A 169 -23.72 -14.34 16.02
CA PRO A 169 -24.36 -15.19 15.00
C PRO A 169 -23.47 -15.43 13.76
N TYR A 170 -23.42 -16.65 13.33
CA TYR A 170 -22.62 -17.03 12.16
C TYR A 170 -23.50 -17.67 11.11
N LEU A 171 -23.42 -17.20 9.86
CA LEU A 171 -24.21 -17.77 8.77
C LEU A 171 -23.29 -18.55 7.87
N ASP A 172 -23.61 -19.83 7.71
CA ASP A 172 -22.80 -20.70 6.87
C ASP A 172 -23.42 -20.77 5.47
N VAL A 173 -22.99 -19.89 4.59
CA VAL A 173 -23.51 -19.86 3.24
C VAL A 173 -22.86 -20.95 2.36
N PHE A 174 -21.73 -21.46 2.83
CA PHE A 174 -20.88 -22.28 2.00
C PHE A 174 -21.57 -23.47 1.36
N PRO A 175 -22.19 -24.35 2.16
CA PRO A 175 -22.83 -25.50 1.53
C PRO A 175 -23.99 -25.13 0.63
N LEU A 176 -24.63 -24.00 0.89
CA LEU A 176 -25.77 -23.57 0.09
C LEU A 176 -25.36 -22.94 -1.24
N LEU A 177 -24.10 -22.54 -1.36
CA LEU A 177 -23.57 -21.92 -2.58
C LEU A 177 -22.76 -22.87 -3.46
N GLU A 178 -22.55 -24.07 -2.97
CA GLU A 178 -22.01 -25.12 -3.83
C GLU A 178 -23.11 -25.58 -4.77
N LYS A 179 -22.76 -26.43 -5.73
CA LYS A 179 -23.69 -26.87 -6.75
C LYS A 179 -24.90 -27.53 -6.07
N PRO A 180 -26.11 -27.34 -6.64
CA PRO A 180 -26.43 -26.75 -7.91
C PRO A 180 -26.65 -25.23 -7.93
N SER A 181 -26.27 -24.53 -6.88
CA SER A 181 -26.21 -23.09 -6.98
C SER A 181 -25.41 -22.65 -8.21
N VAL A 182 -25.78 -21.51 -8.78
CA VAL A 182 -25.09 -21.03 -9.93
C VAL A 182 -23.74 -20.41 -9.56
N TRP A 183 -23.52 -20.18 -8.27
CA TRP A 183 -22.28 -19.50 -7.78
C TRP A 183 -20.99 -19.95 -8.49
N LEU A 184 -20.67 -21.23 -8.39
CA LEU A 184 -19.41 -21.75 -8.95
C LEU A 184 -19.40 -21.79 -10.48
N HIS A 185 -20.58 -21.97 -11.08
CA HIS A 185 -20.69 -21.96 -12.53
C HIS A 185 -20.37 -20.56 -13.05
N GLU A 186 -20.99 -19.54 -12.46
CA GLU A 186 -20.72 -18.17 -12.87
C GLU A 186 -19.28 -17.81 -12.62
N ALA A 187 -18.74 -18.21 -11.47
CA ALA A 187 -17.32 -17.95 -11.19
C ALA A 187 -16.36 -18.54 -12.24
N LYS A 188 -16.54 -19.82 -12.57
CA LYS A 188 -15.75 -20.50 -13.63
C LYS A 188 -15.84 -19.80 -15.00
N ALA A 189 -17.05 -19.37 -15.35
CA ALA A 189 -17.32 -18.74 -16.64
C ALA A 189 -16.77 -17.30 -16.70
N ASN A 190 -16.48 -16.72 -15.54
CA ASN A 190 -15.95 -15.38 -15.46
C ASN A 190 -14.45 -15.42 -15.29
N ASP A 191 -13.92 -15.32 -14.07
CA ASP A 191 -12.49 -15.24 -13.89
C ASP A 191 -11.95 -16.37 -13.02
N GLY A 192 -12.79 -17.37 -12.78
CA GLY A 192 -12.45 -18.52 -11.96
C GLY A 192 -12.82 -18.34 -10.51
N VAL A 193 -13.14 -17.11 -10.11
CA VAL A 193 -13.34 -16.80 -8.70
C VAL A 193 -14.68 -16.12 -8.40
N HIS A 194 -15.03 -15.11 -9.19
CA HIS A 194 -16.09 -14.22 -8.85
C HIS A 194 -17.30 -14.50 -9.68
N PRO A 195 -18.42 -14.70 -9.01
CA PRO A 195 -19.66 -14.91 -9.73
C PRO A 195 -20.25 -13.60 -10.20
N GLN A 196 -21.45 -13.67 -10.78
CA GLN A 196 -22.09 -12.47 -11.31
CA GLN A 196 -22.13 -12.52 -11.38
C GLN A 196 -23.44 -12.25 -10.62
N ALA A 197 -24.42 -11.65 -11.31
CA ALA A 197 -25.66 -11.23 -10.63
C ALA A 197 -26.40 -12.42 -10.02
N GLY A 198 -26.42 -13.54 -10.73
CA GLY A 198 -27.15 -14.69 -10.30
C GLY A 198 -26.65 -15.22 -8.98
N GLY A 199 -25.34 -15.36 -8.90
CA GLY A 199 -24.71 -15.94 -7.74
C GLY A 199 -24.83 -15.03 -6.54
N TYR A 200 -24.60 -13.74 -6.74
CA TYR A 200 -24.78 -12.78 -5.65
C TYR A 200 -26.24 -12.64 -5.20
N THR A 201 -27.18 -12.87 -6.10
CA THR A 201 -28.60 -12.91 -5.75
C THR A 201 -28.92 -14.14 -4.86
N GLU A 202 -28.37 -15.29 -5.20
CA GLU A 202 -28.49 -16.48 -4.37
C GLU A 202 -27.97 -16.22 -2.97
N PHE A 203 -26.77 -15.63 -2.88
CA PHE A 203 -26.17 -15.30 -1.58
C PHE A 203 -27.10 -14.35 -0.80
N ALA A 204 -27.58 -13.26 -1.42
CA ALA A 204 -28.50 -12.31 -0.76
C ALA A 204 -29.73 -12.98 -0.18
N ARG A 205 -30.28 -13.94 -0.91
CA ARG A 205 -31.47 -14.62 -0.48
C ARG A 205 -31.28 -15.41 0.80
N ILE A 206 -30.12 -16.03 0.95
CA ILE A 206 -29.79 -16.76 2.17
C ILE A 206 -29.71 -15.81 3.37
N VAL A 207 -28.98 -14.72 3.20
CA VAL A 207 -28.87 -13.68 4.25
C VAL A 207 -30.25 -13.13 4.60
N GLU A 208 -31.01 -12.73 3.59
CA GLU A 208 -32.37 -12.14 3.79
C GLU A 208 -33.30 -13.02 4.59
N ASN A 209 -33.12 -14.32 4.47
CA ASN A 209 -33.95 -15.26 5.19
C ASN A 209 -33.36 -15.74 6.54
N TRP A 210 -32.19 -15.22 6.90
CA TRP A 210 -31.52 -15.61 8.14
C TRP A 210 -32.16 -14.93 9.34
N ASP A 211 -32.51 -15.71 10.35
CA ASP A 211 -33.22 -15.18 11.54
C ASP A 211 -32.40 -14.06 12.19
N ALA A 212 -31.08 -14.21 12.17
CA ALA A 212 -30.21 -13.26 12.87
C ALA A 212 -30.13 -11.93 12.15
N TRP A 213 -30.24 -12.01 10.83
CA TRP A 213 -30.33 -10.78 9.98
C TRP A 213 -31.65 -10.03 10.22
N LEU A 214 -32.72 -10.78 10.24
CA LEU A 214 -34.04 -10.24 10.56
C LEU A 214 -34.05 -9.63 11.97
N ASN A 215 -33.36 -10.31 12.90
CA ASN A 215 -33.27 -9.90 14.32
C ASN A 215 -31.88 -9.40 14.68
N TRP A 216 -31.38 -8.51 13.82
CA TRP A 216 -30.00 -7.98 13.91
C TRP A 216 -29.70 -7.28 15.23
N PHE A 217 -30.74 -6.73 15.85
CA PHE A 217 -30.68 -5.91 17.09
C PHE A 217 -30.63 -6.76 18.39
N ARG A 218 -30.75 -8.06 18.25
CA ARG A 218 -30.96 -8.92 19.40
C ARG A 218 -29.67 -9.05 20.24
N THR B 19 -10.72 -3.63 -19.98
CA THR B 19 -9.77 -3.20 -18.94
C THR B 19 -10.41 -3.29 -17.53
N GLN B 20 -9.53 -3.27 -16.51
CA GLN B 20 -9.87 -3.53 -15.11
C GLN B 20 -9.41 -2.38 -14.18
N ILE B 21 -10.09 -1.26 -14.30
CA ILE B 21 -9.84 -0.14 -13.44
C ILE B 21 -10.45 -0.30 -12.04
N ARG B 22 -9.70 0.13 -11.02
CA ARG B 22 -10.27 0.22 -9.69
C ARG B 22 -10.56 1.70 -9.39
N ILE B 23 -11.78 1.99 -9.01
CA ILE B 23 -12.18 3.36 -8.75
C ILE B 23 -12.60 3.60 -7.31
N CYS B 24 -11.93 4.51 -6.63
CA CYS B 24 -12.39 4.94 -5.32
C CYS B 24 -13.13 6.26 -5.41
N PHE B 25 -14.34 6.28 -4.85
CA PHE B 25 -15.17 7.47 -4.76
C PHE B 25 -15.18 7.95 -3.33
N VAL B 26 -14.67 9.15 -3.10
CA VAL B 26 -14.44 9.68 -1.77
C VAL B 26 -15.21 10.97 -1.56
N GLY B 27 -16.00 11.02 -0.51
CA GLY B 27 -16.89 12.17 -0.32
C GLY B 27 -17.88 11.95 0.80
N ASP B 28 -19.01 12.65 0.67
CA ASP B 28 -19.98 12.75 1.73
C ASP B 28 -21.18 11.86 1.38
N SER B 29 -22.34 12.20 1.93
CA SER B 29 -23.57 11.46 1.69
C SER B 29 -23.89 11.30 0.23
N PHE B 30 -23.59 12.31 -0.56
CA PHE B 30 -23.96 12.25 -1.97
C PHE B 30 -23.09 11.30 -2.74
N VAL B 31 -21.88 11.04 -2.24
CA VAL B 31 -21.05 9.97 -2.79
C VAL B 31 -21.56 8.63 -2.29
N ASN B 32 -21.98 8.56 -1.04
CA ASN B 32 -22.56 7.34 -0.49
C ASN B 32 -23.82 6.93 -1.22
N GLY B 33 -24.52 7.92 -1.77
CA GLY B 33 -25.83 7.69 -2.40
C GLY B 33 -26.92 7.64 -1.37
N THR B 34 -26.73 8.35 -0.29
CA THR B 34 -27.71 8.36 0.78
C THR B 34 -29.05 8.83 0.20
N GLY B 35 -30.11 8.08 0.48
CA GLY B 35 -31.46 8.38 -0.03
C GLY B 35 -31.96 7.49 -1.16
N ASP B 36 -31.03 6.92 -1.92
CA ASP B 36 -31.35 6.02 -3.03
C ASP B 36 -31.75 4.63 -2.49
N PRO B 37 -33.01 4.24 -2.68
CA PRO B 37 -33.50 2.92 -2.24
C PRO B 37 -32.89 1.76 -3.05
N GLU B 38 -32.37 2.09 -4.23
CA GLU B 38 -31.66 1.14 -5.08
C GLU B 38 -30.19 0.88 -4.65
N CYS B 39 -29.70 1.68 -3.70
CA CYS B 39 -28.40 1.47 -3.06
C CYS B 39 -27.22 1.57 -3.98
N LEU B 40 -27.37 2.42 -5.02
CA LEU B 40 -26.33 2.67 -6.03
C LEU B 40 -25.74 4.09 -5.96
N GLY B 41 -26.56 5.09 -5.64
CA GLY B 41 -26.11 6.49 -5.78
C GLY B 41 -25.82 6.80 -7.24
N TRP B 42 -25.16 7.92 -7.52
CA TRP B 42 -24.67 8.17 -8.87
C TRP B 42 -23.44 7.32 -9.15
N THR B 43 -22.65 7.07 -8.12
CA THR B 43 -21.36 6.37 -8.25
C THR B 43 -21.57 4.94 -8.75
N GLY B 44 -22.54 4.24 -8.19
CA GLY B 44 -22.87 2.88 -8.62
C GLY B 44 -23.35 2.88 -10.06
N ARG B 45 -24.18 3.84 -10.41
CA ARG B 45 -24.73 3.90 -11.73
C ARG B 45 -23.67 4.15 -12.79
N VAL B 46 -22.71 5.02 -12.53
CA VAL B 46 -21.68 5.27 -13.58
C VAL B 46 -20.78 4.02 -13.73
N CYS B 47 -20.57 3.29 -12.63
CA CYS B 47 -19.84 2.03 -12.72
C CYS B 47 -20.59 0.96 -13.48
N VAL B 48 -21.90 0.84 -13.25
CA VAL B 48 -22.74 -0.11 -14.01
C VAL B 48 -22.64 0.20 -15.50
N ASN B 49 -22.67 1.49 -15.83
CA ASN B 49 -22.58 1.86 -17.22
C ASN B 49 -21.22 1.62 -17.84
N ALA B 50 -20.15 1.83 -17.09
CA ALA B 50 -18.81 1.49 -17.57
C ALA B 50 -18.74 -0.02 -17.80
N ASN B 51 -19.35 -0.81 -16.91
CA ASN B 51 -19.38 -2.26 -17.09
C ASN B 51 -20.07 -2.71 -18.36
N LYS B 52 -21.20 -2.08 -18.70
CA LYS B 52 -21.92 -2.38 -19.93
C LYS B 52 -21.08 -2.09 -21.15
N LYS B 53 -20.17 -1.12 -21.05
CA LYS B 53 -19.29 -0.80 -22.16
C LYS B 53 -18.10 -1.76 -22.26
N GLY B 54 -18.08 -2.80 -21.41
CA GLY B 54 -17.03 -3.80 -21.45
C GLY B 54 -15.84 -3.51 -20.56
N TYR B 55 -15.91 -2.46 -19.76
CA TYR B 55 -14.87 -2.26 -18.79
C TYR B 55 -15.20 -3.24 -17.69
N ASP B 56 -14.28 -3.45 -16.79
CA ASP B 56 -14.54 -4.38 -15.70
C ASP B 56 -14.11 -3.65 -14.47
N VAL B 57 -15.06 -2.97 -13.86
CA VAL B 57 -14.76 -1.96 -12.87
C VAL B 57 -14.85 -2.56 -11.49
N THR B 58 -13.85 -2.29 -10.67
CA THR B 58 -13.97 -2.53 -9.25
C THR B 58 -14.43 -1.23 -8.59
N TYR B 59 -15.60 -1.31 -7.98
CA TYR B 59 -16.32 -0.16 -7.46
C TYR B 59 -16.08 -0.03 -5.96
N TYR B 60 -15.29 0.98 -5.58
CA TYR B 60 -15.09 1.24 -4.14
C TYR B 60 -15.72 2.56 -3.73
N ASN B 61 -16.84 2.49 -3.02
CA ASN B 61 -17.51 3.70 -2.54
C ASN B 61 -16.97 4.00 -1.15
N LEU B 62 -16.39 5.18 -0.97
CA LEU B 62 -15.89 5.63 0.34
C LEU B 62 -16.52 6.98 0.70
N GLY B 63 -17.82 7.13 0.41
CA GLY B 63 -18.60 8.25 0.92
C GLY B 63 -19.04 8.01 2.33
N ILE B 64 -18.96 9.05 3.16
CA ILE B 64 -19.43 8.99 4.54
C ILE B 64 -20.41 10.14 4.86
N ARG B 65 -21.55 9.83 5.46
CA ARG B 65 -22.53 10.86 5.84
C ARG B 65 -21.90 11.88 6.79
N ARG B 66 -22.21 13.16 6.54
CA ARG B 66 -21.75 14.28 7.34
C ARG B 66 -20.29 14.69 7.18
N ASP B 67 -19.52 13.98 6.36
CA ASP B 67 -18.13 14.35 6.09
C ASP B 67 -17.94 15.76 5.53
N THR B 68 -17.06 16.50 6.21
CA THR B 68 -16.49 17.75 5.71
C THR B 68 -15.12 17.50 5.07
N SER B 69 -14.56 18.55 4.46
CA SER B 69 -13.19 18.53 3.93
C SER B 69 -12.19 18.16 5.03
N SER B 70 -12.49 18.54 6.27
CA SER B 70 -11.61 18.20 7.38
C SER B 70 -11.64 16.71 7.63
N ASP B 71 -12.84 16.13 7.58
CA ASP B 71 -13.01 14.69 7.82
C ASP B 71 -12.34 13.89 6.71
N ILE B 72 -12.54 14.35 5.48
CA ILE B 72 -11.89 13.75 4.31
C ILE B 72 -10.36 13.83 4.39
N ALA B 73 -9.82 15.01 4.74
CA ALA B 73 -8.37 15.18 4.87
C ALA B 73 -7.73 14.18 5.84
N LYS B 74 -8.43 13.86 6.93
CA LYS B 74 -7.92 12.95 7.93
C LYS B 74 -7.91 11.50 7.50
N ARG B 75 -8.91 11.09 6.74
CA ARG B 75 -9.08 9.66 6.45
C ARG B 75 -8.72 9.12 5.06
N TRP B 76 -8.70 9.98 4.01
CA TRP B 76 -8.78 9.51 2.63
C TRP B 76 -7.55 8.68 2.27
N LEU B 77 -6.38 9.06 2.73
CA LEU B 77 -5.18 8.38 2.27
C LEU B 77 -5.14 6.98 2.85
N GLN B 78 -5.39 6.86 4.16
CA GLN B 78 -5.32 5.56 4.81
CA GLN B 78 -5.36 5.58 4.85
C GLN B 78 -6.42 4.62 4.29
N GLU B 79 -7.57 5.16 3.87
CA GLU B 79 -8.58 4.31 3.26
C GLU B 79 -8.27 3.96 1.80
N VAL B 80 -8.04 4.97 0.96
CA VAL B 80 -7.84 4.75 -0.46
C VAL B 80 -6.60 3.85 -0.73
N SER B 81 -5.51 4.07 0.01
CA SER B 81 -4.25 3.33 -0.20
C SER B 81 -4.45 1.80 -0.06
N LEU B 82 -5.39 1.36 0.78
CA LEU B 82 -5.62 -0.07 0.99
C LEU B 82 -6.34 -0.68 -0.18
N ARG B 83 -7.12 0.13 -0.92
CA ARG B 83 -7.87 -0.33 -2.10
C ARG B 83 -7.03 -0.32 -3.40
N LEU B 84 -6.07 0.59 -3.49
CA LEU B 84 -5.35 0.88 -4.70
C LEU B 84 -3.88 0.56 -4.60
N HIS B 85 -3.46 -0.08 -3.49
CA HIS B 85 -2.07 -0.57 -3.32
C HIS B 85 -1.56 -1.50 -4.44
N LYS B 86 -0.53 -1.03 -5.14
CA LYS B 86 0.07 -1.71 -6.29
C LYS B 86 -0.99 -2.06 -7.36
N GLU B 87 -1.99 -1.20 -7.51
CA GLU B 87 -3.05 -1.42 -8.50
C GLU B 87 -2.83 -0.28 -9.46
N TYR B 88 -2.19 -0.58 -10.55
CA TYR B 88 -1.61 0.47 -11.34
C TYR B 88 -2.64 1.03 -12.32
N ASN B 89 -3.82 0.40 -12.40
CA ASN B 89 -4.94 0.97 -13.19
C ASN B 89 -6.04 1.45 -12.26
N SER B 90 -5.95 2.70 -11.85
CA SER B 90 -6.78 3.18 -10.75
C SER B 90 -7.22 4.61 -10.95
N LEU B 91 -8.28 5.00 -10.26
CA LEU B 91 -8.76 6.36 -10.34
C LEU B 91 -9.43 6.75 -9.02
N VAL B 92 -9.24 7.99 -8.58
CA VAL B 92 -9.89 8.50 -7.38
C VAL B 92 -10.75 9.71 -7.72
N VAL B 93 -12.00 9.65 -7.30
CA VAL B 93 -12.95 10.69 -7.54
C VAL B 93 -13.42 11.25 -6.22
N PHE B 94 -13.22 12.55 -6.04
CA PHE B 94 -13.59 13.25 -4.82
C PHE B 94 -14.84 14.10 -5.08
N SER B 95 -15.73 14.17 -4.09
CA SER B 95 -16.82 15.13 -4.12
C SER B 95 -17.23 15.46 -2.70
N PHE B 96 -16.95 16.70 -2.28
CA PHE B 96 -17.26 17.16 -0.95
C PHE B 96 -17.33 18.70 -0.91
N GLY B 97 -17.83 19.25 0.21
CA GLY B 97 -17.85 20.71 0.46
C GLY B 97 -19.16 21.17 1.06
N LEU B 98 -20.23 20.50 0.67
CA LEU B 98 -21.52 20.82 1.19
C LEU B 98 -21.54 20.94 2.71
N ASN B 99 -20.99 19.95 3.41
CA ASN B 99 -21.10 19.92 4.85
C ASN B 99 -20.17 20.93 5.53
N ASP B 100 -19.14 21.38 4.82
CA ASP B 100 -18.25 22.43 5.38
C ASP B 100 -19.05 23.68 5.75
N THR B 101 -20.03 23.99 4.92
CA THR B 101 -20.70 25.26 5.02
C THR B 101 -21.98 25.20 5.85
N THR B 102 -22.43 24.01 6.23
CA THR B 102 -23.50 23.87 7.18
C THR B 102 -23.21 24.75 8.40
N LEU B 103 -24.21 25.49 8.87
CA LEU B 103 -24.03 26.37 10.02
C LEU B 103 -24.26 25.60 11.31
N GLU B 104 -23.32 25.72 12.26
CA GLU B 104 -23.49 25.21 13.63
C GLU B 104 -23.11 26.33 14.59
N ASN B 105 -24.02 26.70 15.48
CA ASN B 105 -23.83 27.83 16.37
C ASN B 105 -23.51 29.08 15.56
N GLY B 106 -24.27 29.27 14.47
CA GLY B 106 -24.13 30.43 13.63
C GLY B 106 -22.90 30.52 12.75
N LYS B 107 -21.94 29.58 12.88
CA LYS B 107 -20.76 29.56 11.99
C LYS B 107 -20.62 28.24 11.19
N PRO B 108 -20.05 28.31 9.98
CA PRO B 108 -19.77 27.14 9.16
C PRO B 108 -19.04 26.06 9.96
N ARG B 109 -19.36 24.81 9.69
CA ARG B 109 -18.66 23.71 10.31
C ARG B 109 -17.17 23.81 10.05
N VAL B 110 -16.78 24.15 8.83
CA VAL B 110 -15.41 24.43 8.48
C VAL B 110 -15.37 25.82 7.84
N SER B 111 -14.43 26.66 8.27
CA SER B 111 -14.31 27.99 7.64
C SER B 111 -13.88 27.82 6.18
N ILE B 112 -14.24 28.80 5.36
CA ILE B 112 -13.81 28.80 3.96
C ILE B 112 -12.26 28.72 3.80
N ALA B 113 -11.51 29.42 4.64
CA ALA B 113 -10.05 29.27 4.57
C ALA B 113 -9.62 27.81 4.82
N GLU B 114 -10.23 27.16 5.81
CA GLU B 114 -9.94 25.78 6.11
C GLU B 114 -10.37 24.89 4.97
N THR B 115 -11.54 25.15 4.40
CA THR B 115 -12.02 24.36 3.25
C THR B 115 -11.01 24.36 2.13
N ILE B 116 -10.51 25.56 1.79
CA ILE B 116 -9.52 25.70 0.74
C ILE B 116 -8.23 24.96 1.08
N LYS B 117 -7.76 25.14 2.31
CA LYS B 117 -6.56 24.49 2.80
C LYS B 117 -6.74 23.00 2.70
N ASN B 118 -7.85 22.51 3.25
CA ASN B 118 -8.17 21.09 3.21
C ASN B 118 -8.14 20.52 1.77
N THR B 119 -8.83 21.17 0.87
CA THR B 119 -8.94 20.71 -0.50
C THR B 119 -7.58 20.70 -1.19
N ARG B 120 -6.79 21.75 -0.98
CA ARG B 120 -5.45 21.76 -1.57
C ARG B 120 -4.65 20.61 -1.07
N GLU B 121 -4.69 20.40 0.22
CA GLU B 121 -3.88 19.37 0.85
C GLU B 121 -4.31 17.98 0.30
N ILE B 122 -5.62 17.72 0.27
CA ILE B 122 -6.12 16.46 -0.22
C ILE B 122 -5.71 16.24 -1.68
N LEU B 123 -6.01 17.21 -2.54
CA LEU B 123 -5.78 17.04 -3.97
C LEU B 123 -4.29 17.00 -4.34
N THR B 124 -3.49 17.85 -3.68
CA THR B 124 -2.05 17.86 -3.90
C THR B 124 -1.44 16.49 -3.66
N GLN B 125 -1.80 15.84 -2.56
CA GLN B 125 -1.22 14.53 -2.23
C GLN B 125 -1.80 13.45 -3.11
N ALA B 126 -3.11 13.52 -3.34
CA ALA B 126 -3.78 12.52 -4.16
C ALA B 126 -3.20 12.40 -5.54
N LYS B 127 -2.96 13.53 -6.19
CA LYS B 127 -2.53 13.53 -7.59
C LYS B 127 -1.10 13.03 -7.75
N LYS B 128 -0.29 13.07 -6.69
CA LYS B 128 1.05 12.50 -6.65
C LYS B 128 1.02 10.99 -6.75
N LEU B 129 -0.09 10.39 -6.34
CA LEU B 129 -0.27 8.92 -6.28
C LEU B 129 -1.20 8.36 -7.33
N TYR B 130 -2.26 9.09 -7.67
CA TYR B 130 -3.35 8.57 -8.48
C TYR B 130 -3.84 9.63 -9.45
N PRO B 131 -4.47 9.20 -10.55
CA PRO B 131 -5.26 10.12 -11.35
C PRO B 131 -6.47 10.53 -10.51
N VAL B 132 -6.75 11.82 -10.49
CA VAL B 132 -7.78 12.37 -9.63
C VAL B 132 -8.80 13.18 -10.39
N LEU B 133 -10.05 13.07 -9.95
CA LEU B 133 -11.13 13.95 -10.39
C LEU B 133 -11.89 14.53 -9.20
N MSE B 134 -12.45 15.72 -9.38
CA MSE B 134 -13.21 16.41 -8.39
C MSE B 134 -14.57 16.85 -8.96
O MSE B 134 -14.67 17.36 -10.05
CB MSE B 134 -12.42 17.60 -7.87
CG MSE B 134 -13.10 18.58 -6.97
SE MSE B 134 -12.95 18.25 -5.08
CE MSE B 134 -13.66 16.87 -5.03
N ILE B 135 -15.61 16.65 -8.17
CA ILE B 135 -16.95 17.02 -8.53
C ILE B 135 -17.54 17.92 -7.46
N SER B 136 -18.19 18.98 -7.89
CA SER B 136 -18.72 19.99 -6.98
C SER B 136 -19.79 19.51 -6.01
N PRO B 137 -20.04 20.31 -4.97
CA PRO B 137 -21.28 20.15 -4.24
C PRO B 137 -22.51 20.14 -5.15
N ALA B 138 -23.53 19.39 -4.72
CA ALA B 138 -24.82 19.35 -5.38
C ALA B 138 -25.80 20.17 -4.56
N PRO B 139 -26.92 20.57 -5.17
CA PRO B 139 -27.85 21.44 -4.45
C PRO B 139 -28.50 20.88 -3.17
N TYR B 140 -28.69 21.77 -2.19
CA TYR B 140 -29.36 21.51 -0.92
C TYR B 140 -30.12 22.79 -0.48
N ILE B 141 -31.45 22.71 -0.41
CA ILE B 141 -32.27 23.82 0.12
C ILE B 141 -32.70 23.54 1.57
N GLU B 142 -32.54 24.55 2.42
CA GLU B 142 -32.78 24.39 3.84
C GLU B 142 -33.53 25.60 4.36
N GLN B 143 -34.79 25.40 4.77
CA GLN B 143 -35.68 26.50 5.17
C GLN B 143 -35.01 27.44 6.18
N GLN B 144 -34.43 26.85 7.22
CA GLN B 144 -33.82 27.63 8.31
C GLN B 144 -32.55 28.41 7.87
N ASP B 145 -31.95 28.00 6.75
CA ASP B 145 -30.68 28.56 6.27
C ASP B 145 -30.81 29.06 4.82
N PRO B 146 -31.51 30.20 4.60
CA PRO B 146 -31.65 30.74 3.24
C PRO B 146 -30.31 31.15 2.61
N GLY B 147 -29.31 31.41 3.44
CA GLY B 147 -27.96 31.70 2.96
C GLY B 147 -27.19 30.55 2.33
N ARG B 148 -27.63 29.31 2.51
CA ARG B 148 -26.82 28.15 2.09
C ARG B 148 -26.46 28.15 0.60
N ARG B 149 -27.42 28.44 -0.27
CA ARG B 149 -27.16 28.32 -1.71
C ARG B 149 -25.99 29.22 -2.14
N ARG B 150 -26.08 30.49 -1.76
CA ARG B 150 -25.01 31.45 -2.00
C ARG B 150 -23.64 31.02 -1.45
N ARG B 151 -23.63 30.54 -0.21
CA ARG B 151 -22.37 30.08 0.41
C ARG B 151 -21.80 28.93 -0.38
N THR B 152 -22.70 28.05 -0.85
CA THR B 152 -22.30 26.86 -1.59
C THR B 152 -21.69 27.22 -2.93
N ILE B 153 -22.29 28.17 -3.64
CA ILE B 153 -21.76 28.61 -4.93
C ILE B 153 -20.40 29.31 -4.76
N ASP B 154 -20.27 30.13 -3.72
CA ASP B 154 -19.00 30.80 -3.42
C ASP B 154 -17.91 29.78 -3.12
N LEU B 155 -18.27 28.74 -2.35
CA LEU B 155 -17.32 27.72 -1.99
C LEU B 155 -16.90 26.95 -3.25
N SER B 156 -17.87 26.57 -4.06
CA SER B 156 -17.62 25.87 -5.32
C SER B 156 -16.64 26.61 -6.20
N GLN B 157 -16.80 27.92 -6.33
CA GLN B 157 -15.83 28.69 -7.10
C GLN B 157 -14.44 28.61 -6.50
N GLN B 158 -14.35 28.58 -5.18
CA GLN B 158 -13.05 28.39 -4.55
C GLN B 158 -12.48 26.99 -4.84
N LEU B 159 -13.33 25.98 -4.86
CA LEU B 159 -12.91 24.61 -5.22
C LEU B 159 -12.34 24.59 -6.65
N ALA B 160 -13.07 25.19 -7.58
CA ALA B 160 -12.62 25.26 -8.98
C ALA B 160 -11.27 25.96 -9.16
N LEU B 161 -11.05 27.05 -8.44
CA LEU B 161 -9.76 27.73 -8.45
C LEU B 161 -8.66 26.79 -7.99
N VAL B 162 -8.87 26.07 -6.88
CA VAL B 162 -7.87 25.10 -6.40
C VAL B 162 -7.59 24.06 -7.48
N CYS B 163 -8.68 23.57 -8.06
CA CYS B 163 -8.57 22.52 -9.06
C CYS B 163 -7.82 23.04 -10.28
N GLN B 164 -8.09 24.29 -10.65
CA GLN B 164 -7.36 24.92 -11.75
C GLN B 164 -5.85 25.00 -11.44
N ASP B 165 -5.52 25.43 -10.23
CA ASP B 165 -4.11 25.55 -9.86
C ASP B 165 -3.44 24.18 -9.94
N LEU B 166 -4.19 23.11 -9.70
CA LEU B 166 -3.61 21.79 -9.63
C LEU B 166 -3.87 20.94 -10.85
N ASP B 167 -4.42 21.52 -11.90
CA ASP B 167 -4.74 20.77 -13.10
C ASP B 167 -5.56 19.50 -12.82
N VAL B 168 -6.50 19.61 -11.89
CA VAL B 168 -7.45 18.56 -11.57
C VAL B 168 -8.75 18.95 -12.26
N PRO B 169 -9.29 18.07 -13.11
CA PRO B 169 -10.64 18.35 -13.66
C PRO B 169 -11.71 18.49 -12.54
N TYR B 170 -12.55 19.50 -12.70
CA TYR B 170 -13.61 19.84 -11.75
C TYR B 170 -14.92 19.85 -12.52
N LEU B 171 -15.90 19.06 -12.06
CA LEU B 171 -17.23 19.06 -12.69
C LEU B 171 -18.16 19.87 -11.83
N ASP B 172 -18.79 20.90 -12.40
CA ASP B 172 -19.82 21.61 -11.67
C ASP B 172 -21.18 21.01 -12.01
N VAL B 173 -21.74 20.27 -11.08
CA VAL B 173 -23.02 19.62 -11.27
C VAL B 173 -24.15 20.50 -10.76
N PHE B 174 -23.80 21.59 -10.07
CA PHE B 174 -24.81 22.39 -9.38
C PHE B 174 -25.89 22.95 -10.32
N PRO B 175 -25.49 23.64 -11.39
CA PRO B 175 -26.51 24.21 -12.25
C PRO B 175 -27.48 23.17 -12.77
N LEU B 176 -26.96 22.03 -13.20
CA LEU B 176 -27.77 21.02 -13.88
C LEU B 176 -28.61 20.16 -12.94
N LEU B 177 -28.39 20.30 -11.64
CA LEU B 177 -29.21 19.63 -10.65
C LEU B 177 -30.17 20.59 -9.97
N GLU B 178 -30.16 21.85 -10.37
CA GLU B 178 -31.18 22.77 -9.86
C GLU B 178 -32.46 22.56 -10.65
N LYS B 179 -33.58 23.00 -10.06
CA LYS B 179 -34.88 22.87 -10.71
C LYS B 179 -34.67 23.47 -12.10
N PRO B 180 -35.09 22.73 -13.16
CA PRO B 180 -36.19 21.76 -13.15
C PRO B 180 -35.81 20.30 -12.84
N SER B 181 -34.54 20.01 -12.58
CA SER B 181 -34.09 18.67 -12.16
C SER B 181 -34.94 18.14 -11.01
N VAL B 182 -35.12 16.84 -10.97
CA VAL B 182 -35.88 16.26 -9.89
C VAL B 182 -35.15 16.29 -8.57
N TRP B 183 -33.83 16.52 -8.61
CA TRP B 183 -32.96 16.47 -7.44
C TRP B 183 -33.56 17.11 -6.19
N LEU B 184 -33.87 18.41 -6.26
CA LEU B 184 -34.37 19.15 -5.08
C LEU B 184 -35.79 18.78 -4.67
N HIS B 185 -36.61 18.37 -5.64
CA HIS B 185 -37.94 17.86 -5.35
C HIS B 185 -37.91 16.54 -4.58
N GLU B 186 -37.07 15.62 -5.03
CA GLU B 186 -36.97 14.33 -4.36
C GLU B 186 -36.40 14.54 -2.95
N ALA B 187 -35.43 15.45 -2.80
CA ALA B 187 -34.84 15.69 -1.49
C ALA B 187 -35.89 16.21 -0.51
N LYS B 188 -36.67 17.19 -0.97
CA LYS B 188 -37.74 17.81 -0.17
C LYS B 188 -38.80 16.80 0.26
N ALA B 189 -39.12 15.85 -0.61
CA ALA B 189 -40.12 14.82 -0.28
C ALA B 189 -39.56 13.77 0.67
N ASN B 190 -38.25 13.58 0.61
CA ASN B 190 -37.56 12.61 1.45
C ASN B 190 -37.26 13.23 2.81
N ASP B 191 -36.04 13.72 3.02
CA ASP B 191 -35.66 14.19 4.34
C ASP B 191 -35.19 15.63 4.29
N GLY B 192 -35.45 16.30 3.16
CA GLY B 192 -35.00 17.67 2.96
C GLY B 192 -33.62 17.79 2.38
N VAL B 193 -32.86 16.69 2.38
CA VAL B 193 -31.45 16.75 1.98
C VAL B 193 -31.09 15.79 0.86
N HIS B 194 -31.58 14.56 0.95
CA HIS B 194 -31.11 13.48 0.07
C HIS B 194 -32.19 13.07 -0.94
N PRO B 195 -31.82 13.09 -2.24
CA PRO B 195 -32.79 12.68 -3.26
C PRO B 195 -32.86 11.16 -3.32
N GLN B 196 -33.60 10.64 -4.29
CA GLN B 196 -33.77 9.20 -4.42
C GLN B 196 -33.24 8.79 -5.80
N ALA B 197 -33.84 7.76 -6.40
CA ALA B 197 -33.21 7.13 -7.57
C ALA B 197 -33.17 8.06 -8.76
N GLY B 198 -34.21 8.87 -8.93
CA GLY B 198 -34.28 9.80 -10.05
C GLY B 198 -33.22 10.90 -9.97
N GLY B 199 -32.98 11.38 -8.76
CA GLY B 199 -31.98 12.43 -8.53
C GLY B 199 -30.57 11.96 -8.81
N TYR B 200 -30.22 10.79 -8.25
CA TYR B 200 -28.91 10.18 -8.49
C TYR B 200 -28.70 9.76 -9.94
N THR B 201 -29.77 9.42 -10.62
CA THR B 201 -29.70 9.07 -12.02
C THR B 201 -29.31 10.32 -12.83
N GLU B 202 -29.89 11.47 -12.48
CA GLU B 202 -29.57 12.70 -13.20
C GLU B 202 -28.11 13.09 -12.96
N PHE B 203 -27.61 12.88 -11.75
CA PHE B 203 -26.23 13.20 -11.41
C PHE B 203 -25.32 12.31 -12.25
N ALA B 204 -25.59 11.01 -12.25
CA ALA B 204 -24.77 10.07 -13.00
C ALA B 204 -24.68 10.45 -14.47
N ARG B 205 -25.79 10.89 -15.05
CA ARG B 205 -25.80 11.28 -16.46
C ARG B 205 -24.93 12.51 -16.75
N ILE B 206 -24.87 13.47 -15.82
CA ILE B 206 -23.94 14.60 -15.97
C ILE B 206 -22.50 14.07 -16.02
N VAL B 207 -22.16 13.13 -15.12
CA VAL B 207 -20.81 12.59 -15.04
C VAL B 207 -20.49 11.78 -16.28
N GLU B 208 -21.46 10.98 -16.71
CA GLU B 208 -21.32 10.19 -17.94
C GLU B 208 -21.09 11.02 -19.16
N ASN B 209 -21.50 12.28 -19.13
CA ASN B 209 -21.26 13.21 -20.24
C ASN B 209 -20.00 14.05 -20.09
N TRP B 210 -19.31 13.92 -18.95
CA TRP B 210 -18.12 14.72 -18.66
C TRP B 210 -16.93 14.16 -19.41
N ASP B 211 -16.27 14.99 -20.21
CA ASP B 211 -15.09 14.56 -20.99
C ASP B 211 -14.01 13.97 -20.09
N ALA B 212 -13.83 14.54 -18.91
CA ALA B 212 -12.79 14.05 -17.99
C ALA B 212 -13.13 12.64 -17.51
N TRP B 213 -14.41 12.32 -17.40
CA TRP B 213 -14.83 10.96 -17.08
C TRP B 213 -14.73 10.06 -18.31
N LEU B 214 -15.26 10.53 -19.43
CA LEU B 214 -15.17 9.81 -20.71
C LEU B 214 -13.74 9.51 -21.17
N ASN B 215 -12.82 10.37 -20.76
CA ASN B 215 -11.41 10.14 -20.99
C ASN B 215 -10.94 8.74 -20.52
N TRP B 216 -11.55 8.23 -19.44
CA TRP B 216 -11.29 6.88 -18.95
C TRP B 216 -12.19 5.83 -19.63
N PHE B 217 -13.43 6.20 -19.90
CA PHE B 217 -14.46 5.25 -20.32
C PHE B 217 -15.17 5.66 -21.61
N LYS C 18 13.20 -17.04 13.34
CA LYS C 18 11.85 -17.54 12.95
C LYS C 18 10.81 -16.42 12.84
N THR C 19 10.76 -15.51 13.82
CA THR C 19 9.80 -14.38 13.80
C THR C 19 10.12 -13.35 12.69
N GLN C 20 9.27 -13.28 11.67
CA GLN C 20 9.51 -12.40 10.53
C GLN C 20 9.15 -10.92 10.80
N ILE C 21 10.05 -10.04 10.35
CA ILE C 21 9.83 -8.61 10.37
C ILE C 21 10.46 -7.92 9.15
N ARG C 22 9.87 -6.81 8.74
CA ARG C 22 10.38 -6.02 7.63
C ARG C 22 10.72 -4.64 8.10
N ILE C 23 11.91 -4.16 7.80
CA ILE C 23 12.35 -2.87 8.32
C ILE C 23 12.91 -2.04 7.18
N CYS C 24 12.33 -0.87 6.93
CA CYS C 24 12.94 0.14 6.04
C CYS C 24 13.67 1.18 6.84
N PHE C 25 14.88 1.49 6.39
CA PHE C 25 15.69 2.55 6.97
C PHE C 25 15.77 3.66 5.95
N VAL C 26 15.39 4.86 6.37
CA VAL C 26 15.30 5.97 5.44
C VAL C 26 16.18 7.08 5.89
N GLY C 27 17.06 7.53 5.03
CA GLY C 27 17.90 8.68 5.41
C GLY C 27 18.98 9.00 4.39
N ASP C 28 20.11 9.46 4.90
CA ASP C 28 21.22 9.95 4.08
C ASP C 28 22.35 8.93 4.00
N SER C 29 23.59 9.41 3.78
CA SER C 29 24.78 8.52 3.61
C SER C 29 24.98 7.62 4.83
N PHE C 30 24.69 8.12 6.01
CA PHE C 30 24.89 7.30 7.20
C PHE C 30 23.90 6.16 7.31
N VAL C 31 22.71 6.32 6.72
CA VAL C 31 21.79 5.20 6.60
C VAL C 31 22.26 4.22 5.52
N ASN C 32 22.73 4.75 4.40
CA ASN C 32 23.28 3.91 3.37
C ASN C 32 24.50 3.10 3.85
N GLY C 33 25.23 3.61 4.83
CA GLY C 33 26.41 2.93 5.28
C GLY C 33 27.64 3.31 4.50
N THR C 34 27.57 4.50 3.88
CA THR C 34 28.70 4.99 3.12
C THR C 34 29.99 4.99 3.91
N GLY C 35 31.04 4.40 3.32
CA GLY C 35 32.33 4.22 3.97
C GLY C 35 32.58 2.82 4.54
N ASP C 36 31.52 2.04 4.78
CA ASP C 36 31.67 0.71 5.35
C ASP C 36 32.11 -0.27 4.29
N PRO C 37 33.34 -0.80 4.42
CA PRO C 37 33.75 -1.78 3.40
C PRO C 37 32.94 -3.09 3.44
N GLU C 38 32.26 -3.33 4.55
CA GLU C 38 31.48 -4.55 4.74
C GLU C 38 30.08 -4.41 4.18
N CYS C 39 29.74 -3.19 3.74
CA CYS C 39 28.48 -2.88 3.04
C CYS C 39 27.24 -3.09 3.89
N LEU C 40 27.37 -2.94 5.20
CA LEU C 40 26.24 -3.05 6.12
C LEU C 40 25.80 -1.72 6.72
N GLY C 41 26.77 -0.85 6.99
CA GLY C 41 26.48 0.35 7.81
C GLY C 41 26.01 -0.08 9.19
N TRP C 42 25.36 0.81 9.93
CA TRP C 42 24.81 0.43 11.23
C TRP C 42 23.49 -0.30 11.02
N THR C 43 22.83 0.00 9.90
CA THR C 43 21.50 -0.54 9.65
C THR C 43 21.54 -2.08 9.43
N GLY C 44 22.47 -2.53 8.61
CA GLY C 44 22.58 -3.96 8.39
C GLY C 44 23.05 -4.67 9.65
N ARG C 45 23.93 -4.03 10.42
CA ARG C 45 24.44 -4.60 11.66
C ARG C 45 23.31 -4.82 12.66
N VAL C 46 22.44 -3.82 12.83
CA VAL C 46 21.32 -4.04 13.78
C VAL C 46 20.36 -5.09 13.26
N CYS C 47 20.24 -5.21 11.95
CA CYS C 47 19.41 -6.30 11.40
C CYS C 47 20.04 -7.68 11.60
N VAL C 48 21.34 -7.81 11.37
CA VAL C 48 22.07 -9.03 11.68
C VAL C 48 21.89 -9.41 13.16
N ASN C 49 22.07 -8.43 14.05
CA ASN C 49 21.85 -8.61 15.49
C ASN C 49 20.44 -9.15 15.82
N ALA C 50 19.40 -8.57 15.21
CA ALA C 50 18.02 -9.03 15.36
C ALA C 50 17.88 -10.46 14.89
N ASN C 51 18.50 -10.78 13.78
CA ASN C 51 18.47 -12.14 13.26
C ASN C 51 19.06 -13.12 14.25
N LYS C 52 20.14 -12.72 14.93
CA LYS C 52 20.77 -13.59 15.94
C LYS C 52 19.87 -13.85 17.14
N LYS C 53 18.92 -12.96 17.40
CA LYS C 53 17.92 -13.19 18.44
C LYS C 53 16.74 -14.04 17.98
N GLY C 54 16.78 -14.59 16.78
CA GLY C 54 15.67 -15.41 16.32
C GLY C 54 14.64 -14.69 15.47
N TYR C 55 14.93 -13.48 15.01
CA TYR C 55 14.13 -12.87 13.97
C TYR C 55 14.62 -13.32 12.63
N ASP C 56 13.79 -13.06 11.63
CA ASP C 56 14.13 -13.20 10.25
C ASP C 56 13.74 -11.86 9.62
N VAL C 57 14.75 -11.02 9.42
CA VAL C 57 14.56 -9.65 8.99
C VAL C 57 14.64 -9.53 7.47
N THR C 58 13.62 -8.90 6.89
CA THR C 58 13.71 -8.33 5.54
C THR C 58 14.25 -6.91 5.70
N TYR C 59 15.50 -6.74 5.28
CA TYR C 59 16.27 -5.53 5.46
C TYR C 59 16.15 -4.65 4.23
N TYR C 60 15.46 -3.53 4.37
CA TYR C 60 15.32 -2.59 3.28
C TYR C 60 16.05 -1.31 3.58
N ASN C 61 17.19 -1.11 2.99
CA ASN C 61 17.90 0.15 3.15
C ASN C 61 17.46 1.15 2.08
N LEU C 62 16.96 2.31 2.49
CA LEU C 62 16.59 3.37 1.60
C LEU C 62 17.34 4.67 1.89
N GLY C 63 18.58 4.54 2.34
CA GLY C 63 19.50 5.66 2.49
C GLY C 63 19.97 6.17 1.13
N ILE C 64 20.07 7.50 0.99
CA ILE C 64 20.67 8.04 -0.24
C ILE C 64 21.71 9.07 0.14
N ARG C 65 22.88 8.97 -0.48
CA ARG C 65 23.90 9.98 -0.25
C ARG C 65 23.41 11.39 -0.61
N ARG C 66 23.78 12.35 0.26
CA ARG C 66 23.50 13.80 0.15
C ARG C 66 22.03 14.17 0.49
N ASP C 67 21.19 13.22 0.84
CA ASP C 67 19.79 13.57 1.13
C ASP C 67 19.62 14.48 2.33
N THR C 68 18.80 15.50 2.11
CA THR C 68 18.27 16.40 3.14
C THR C 68 16.84 15.98 3.50
N SER C 69 16.30 16.60 4.56
CA SER C 69 14.90 16.43 4.92
C SER C 69 13.93 16.75 3.76
N SER C 70 14.29 17.69 2.87
CA SER C 70 13.42 18.00 1.72
C SER C 70 13.43 16.84 0.74
N ASP C 71 14.61 16.29 0.47
CA ASP C 71 14.74 15.12 -0.40
C ASP C 71 13.91 13.95 0.12
N ILE C 72 14.03 13.72 1.42
CA ILE C 72 13.31 12.63 2.05
C ILE C 72 11.79 12.86 2.01
N ALA C 73 11.35 14.09 2.29
CA ALA C 73 9.92 14.44 2.22
C ALA C 73 9.28 14.09 0.86
N LYS C 74 10.03 14.23 -0.22
CA LYS C 74 9.53 14.01 -1.58
C LYS C 74 9.40 12.54 -1.95
N ARG C 75 10.30 11.70 -1.44
CA ARG C 75 10.37 10.28 -1.82
C ARG C 75 9.86 9.24 -0.82
N TRP C 76 9.81 9.56 0.47
CA TRP C 76 9.72 8.48 1.47
C TRP C 76 8.40 7.70 1.40
N LEU C 77 7.30 8.41 1.21
CA LEU C 77 6.00 7.79 1.32
C LEU C 77 5.83 6.71 0.27
N GLN C 78 6.03 7.04 -0.99
CA GLN C 78 5.91 6.05 -2.05
CA GLN C 78 5.87 6.02 -2.02
C GLN C 78 6.94 4.92 -1.93
N GLU C 79 8.19 5.28 -1.62
CA GLU C 79 9.24 4.26 -1.57
C GLU C 79 8.97 3.25 -0.43
N VAL C 80 8.68 3.78 0.76
CA VAL C 80 8.44 2.95 1.91
C VAL C 80 7.16 2.13 1.75
N SER C 81 6.12 2.74 1.19
CA SER C 81 4.86 2.05 1.07
C SER C 81 5.00 0.80 0.17
N LEU C 82 5.83 0.88 -0.87
CA LEU C 82 6.00 -0.30 -1.73
C LEU C 82 6.57 -1.47 -0.96
N ARG C 83 7.38 -1.18 0.07
CA ARG C 83 7.99 -2.19 0.88
C ARG C 83 7.18 -2.67 2.06
N LEU C 84 6.43 -1.75 2.68
CA LEU C 84 5.78 -2.01 3.99
C LEU C 84 4.26 -2.07 4.01
N HIS C 85 3.59 -1.44 3.05
CA HIS C 85 2.15 -1.34 3.12
C HIS C 85 1.51 -2.71 3.04
N LYS C 86 0.55 -2.93 3.94
CA LYS C 86 -0.16 -4.17 4.11
C LYS C 86 0.73 -5.35 4.52
N GLU C 87 1.90 -5.01 5.07
CA GLU C 87 2.78 -5.97 5.72
C GLU C 87 2.79 -5.53 7.17
N TYR C 88 2.11 -6.26 8.05
CA TYR C 88 1.84 -5.71 9.40
C TYR C 88 2.87 -6.07 10.46
N ASN C 89 4.05 -6.51 10.02
CA ASN C 89 5.15 -6.81 10.91
C ASN C 89 6.30 -5.89 10.48
N SER C 90 5.98 -4.62 10.30
CA SER C 90 6.89 -3.67 9.64
C SER C 90 7.28 -2.53 10.55
N LEU C 91 8.44 -1.98 10.29
CA LEU C 91 8.95 -0.80 11.00
C LEU C 91 9.64 0.11 10.01
N VAL C 92 9.43 1.40 10.17
CA VAL C 92 10.24 2.38 9.43
C VAL C 92 11.11 3.19 10.43
N VAL C 93 12.40 3.31 10.09
CA VAL C 93 13.36 4.06 10.88
C VAL C 93 13.93 5.18 10.02
N PHE C 94 13.80 6.41 10.49
CA PHE C 94 14.35 7.56 9.80
C PHE C 94 15.59 8.09 10.54
N SER C 95 16.57 8.56 9.78
CA SER C 95 17.67 9.34 10.37
C SER C 95 18.22 10.27 9.33
N PHE C 96 18.06 11.56 9.56
CA PHE C 96 18.54 12.54 8.61
C PHE C 96 18.72 13.88 9.29
N GLY C 97 19.24 14.87 8.54
CA GLY C 97 19.34 16.27 9.03
C GLY C 97 20.70 16.93 8.83
N LEU C 98 21.77 16.14 8.86
CA LEU C 98 23.12 16.65 8.62
C LEU C 98 23.23 17.45 7.33
N ASN C 99 22.68 16.91 6.25
CA ASN C 99 22.83 17.57 4.96
C ASN C 99 22.03 18.86 4.88
N ASP C 100 20.95 18.98 5.64
CA ASP C 100 20.12 20.20 5.64
C ASP C 100 21.01 21.36 6.05
N THR C 101 21.88 21.10 7.01
CA THR C 101 22.62 22.16 7.64
C THR C 101 23.96 22.52 6.93
N THR C 102 24.35 21.74 5.92
CA THR C 102 25.45 22.10 5.05
C THR C 102 25.25 23.50 4.43
N LEU C 103 26.31 24.31 4.44
CA LEU C 103 26.21 25.66 3.85
C LEU C 103 26.46 25.56 2.35
N GLU C 104 25.62 26.25 1.58
CA GLU C 104 25.69 26.23 0.13
C GLU C 104 25.25 27.62 -0.37
N ASN C 105 26.17 28.29 -1.07
CA ASN C 105 26.04 29.72 -1.40
C ASN C 105 25.76 30.54 -0.13
N GLY C 106 26.53 30.27 0.93
CA GLY C 106 26.42 31.04 2.18
C GLY C 106 25.26 30.71 3.12
N LYS C 107 24.38 29.77 2.75
CA LYS C 107 23.34 29.41 3.68
C LYS C 107 23.04 27.90 3.67
N PRO C 108 22.47 27.40 4.76
CA PRO C 108 22.15 25.97 4.85
C PRO C 108 21.30 25.52 3.67
N ARG C 109 21.58 24.33 3.16
CA ARG C 109 20.82 23.75 2.05
C ARG C 109 19.33 23.75 2.34
N VAL C 110 18.96 23.50 3.59
CA VAL C 110 17.56 23.62 4.01
C VAL C 110 17.56 24.45 5.30
N SER C 111 16.75 25.51 5.35
CA SER C 111 16.63 26.30 6.59
C SER C 111 16.09 25.44 7.74
N ILE C 112 16.39 25.86 8.97
CA ILE C 112 15.91 25.12 10.14
C ILE C 112 14.37 25.12 10.20
N ALA C 113 13.73 26.23 9.83
CA ALA C 113 12.28 26.26 9.74
C ALA C 113 11.80 25.17 8.78
N GLU C 114 12.42 25.07 7.61
CA GLU C 114 12.03 24.05 6.60
C GLU C 114 12.31 22.64 7.10
N THR C 115 13.45 22.44 7.77
CA THR C 115 13.77 21.12 8.34
C THR C 115 12.65 20.65 9.28
N ILE C 116 12.20 21.56 10.13
CA ILE C 116 11.16 21.26 11.09
C ILE C 116 9.85 20.96 10.38
N LYS C 117 9.50 21.77 9.38
CA LYS C 117 8.27 21.54 8.63
C LYS C 117 8.31 20.19 7.93
N ASN C 118 9.43 19.92 7.26
CA ASN C 118 9.65 18.62 6.60
C ASN C 118 9.50 17.48 7.58
N THR C 119 10.18 17.60 8.72
CA THR C 119 10.20 16.51 9.71
C THR C 119 8.81 16.22 10.23
N ARG C 120 8.08 17.28 10.61
CA ARG C 120 6.71 17.17 11.03
C ARG C 120 5.84 16.52 9.94
N GLU C 121 5.95 16.96 8.70
CA GLU C 121 5.17 16.34 7.62
C GLU C 121 5.49 14.83 7.41
N ILE C 122 6.78 14.52 7.35
CA ILE C 122 7.21 13.14 7.25
C ILE C 122 6.67 12.29 8.41
N LEU C 123 6.94 12.73 9.62
CA LEU C 123 6.64 11.90 10.79
C LEU C 123 5.14 11.78 11.09
N THR C 124 4.42 12.86 10.84
CA THR C 124 2.98 12.86 11.04
C THR C 124 2.36 11.75 10.20
N GLN C 125 2.72 11.74 8.91
CA GLN C 125 2.17 10.78 7.95
C GLN C 125 2.63 9.36 8.26
N ALA C 126 3.91 9.21 8.62
CA ALA C 126 4.46 7.88 8.92
C ALA C 126 3.86 7.26 10.15
N LYS C 127 3.66 8.09 11.18
CA LYS C 127 3.06 7.65 12.46
C LYS C 127 1.61 7.16 12.25
N LYS C 128 0.93 7.72 11.26
CA LYS C 128 -0.39 7.21 10.91
C LYS C 128 -0.40 5.82 10.30
N LEU C 129 0.69 5.44 9.65
CA LEU C 129 0.69 4.23 8.82
C LEU C 129 1.50 3.11 9.41
N TYR C 130 2.66 3.43 9.99
CA TYR C 130 3.66 2.42 10.38
C TYR C 130 4.23 2.74 11.72
N PRO C 131 4.65 1.70 12.45
CA PRO C 131 5.51 1.93 13.60
C PRO C 131 6.75 2.67 13.11
N VAL C 132 7.17 3.68 13.87
CA VAL C 132 8.18 4.59 13.42
C VAL C 132 9.17 4.97 14.53
N LEU C 133 10.43 4.99 14.15
CA LEU C 133 11.51 5.47 15.01
C LEU C 133 12.34 6.50 14.27
N MSE C 134 12.94 7.41 15.02
CA MSE C 134 13.82 8.42 14.49
C MSE C 134 15.12 8.50 15.28
O MSE C 134 15.13 8.41 16.50
CB MSE C 134 13.07 9.73 14.47
CG MSE C 134 13.91 10.92 14.53
SE MSE C 134 13.55 12.22 13.18
CE MSE C 134 14.07 11.14 11.93
N ILE C 135 16.23 8.66 14.54
CA ILE C 135 17.56 8.75 15.12
C ILE C 135 18.20 10.05 14.68
N SER C 136 18.87 10.70 15.61
CA SER C 136 19.44 12.02 15.38
C SER C 136 20.50 11.95 14.34
N PRO C 137 20.86 13.13 13.81
CA PRO C 137 22.08 13.27 13.04
C PRO C 137 23.28 12.84 13.87
N ALA C 138 24.30 12.31 13.20
CA ALA C 138 25.52 11.87 13.85
C ALA C 138 26.55 12.97 13.64
N PRO C 139 27.57 13.03 14.51
CA PRO C 139 28.56 14.12 14.35
C PRO C 139 29.34 14.11 13.02
N TYR C 140 29.74 15.32 12.60
CA TYR C 140 30.57 15.53 11.44
C TYR C 140 31.37 16.81 11.66
N ILE C 141 32.70 16.66 11.72
CA ILE C 141 33.58 17.81 11.94
C ILE C 141 34.07 18.34 10.60
N GLU C 142 33.63 19.54 10.25
CA GLU C 142 33.99 20.19 9.01
C GLU C 142 34.87 21.40 9.35
N GLN C 143 36.15 21.31 9.00
CA GLN C 143 37.10 22.31 9.47
C GLN C 143 36.70 23.74 9.08
N GLN C 144 36.21 23.91 7.85
CA GLN C 144 35.90 25.24 7.35
C GLN C 144 34.48 25.75 7.70
N ASP C 145 33.75 24.95 8.46
CA ASP C 145 32.43 25.36 8.95
C ASP C 145 32.39 24.90 10.39
N PRO C 146 33.12 25.63 11.27
CA PRO C 146 33.05 25.35 12.70
C PRO C 146 31.66 25.66 13.30
N GLY C 147 30.88 26.50 12.60
CA GLY C 147 29.46 26.72 12.94
C GLY C 147 28.57 25.47 12.85
N ARG C 148 29.01 24.48 12.06
CA ARG C 148 28.23 23.27 11.85
C ARG C 148 27.83 22.52 13.13
N ARG C 149 28.75 22.44 14.10
CA ARG C 149 28.44 21.68 15.33
C ARG C 149 27.18 22.27 16.01
N ARG C 150 27.22 23.58 16.23
CA ARG C 150 26.14 24.32 16.83
C ARG C 150 24.85 24.20 16.03
N ARG C 151 24.95 24.36 14.70
CA ARG C 151 23.75 24.31 13.90
C ARG C 151 23.14 22.92 14.00
N THR C 152 24.00 21.90 14.05
CA THR C 152 23.57 20.51 14.10
C THR C 152 22.93 20.18 15.45
N ILE C 153 23.55 20.68 16.52
CA ILE C 153 23.00 20.53 17.86
C ILE C 153 21.64 21.18 17.93
N ASP C 154 21.53 22.41 17.46
CA ASP C 154 20.25 23.10 17.49
C ASP C 154 19.19 22.36 16.68
N LEU C 155 19.57 21.84 15.53
CA LEU C 155 18.64 21.09 14.69
C LEU C 155 18.15 19.82 15.40
N SER C 156 19.06 19.08 16.00
CA SER C 156 18.68 17.87 16.74
C SER C 156 17.70 18.13 17.89
N GLN C 157 17.96 19.19 18.65
CA GLN C 157 16.99 19.66 19.67
C GLN C 157 15.59 19.87 19.09
N GLN C 158 15.54 20.50 17.92
CA GLN C 158 14.28 20.78 17.29
C GLN C 158 13.59 19.50 16.76
N LEU C 159 14.38 18.60 16.20
CA LEU C 159 13.87 17.28 15.80
C LEU C 159 13.31 16.54 17.01
N ALA C 160 14.02 16.59 18.14
CA ALA C 160 13.51 15.97 19.38
C ALA C 160 12.14 16.53 19.73
N LEU C 161 11.95 17.83 19.54
CA LEU C 161 10.69 18.45 19.93
C LEU C 161 9.57 17.99 19.04
N VAL C 162 9.83 17.89 17.73
CA VAL C 162 8.82 17.37 16.81
C VAL C 162 8.45 15.94 17.19
N CYS C 163 9.47 15.14 17.47
CA CYS C 163 9.24 13.74 17.83
C CYS C 163 8.44 13.67 19.13
N GLN C 164 8.74 14.55 20.07
CA GLN C 164 7.94 14.67 21.30
C GLN C 164 6.49 15.00 21.00
N ASP C 165 6.26 15.98 20.15
CA ASP C 165 4.88 16.30 19.71
C ASP C 165 4.15 15.12 19.20
N LEU C 166 4.87 14.26 18.45
CA LEU C 166 4.18 13.23 17.70
C LEU C 166 4.25 11.85 18.34
N ASP C 167 4.80 11.76 19.55
CA ASP C 167 5.04 10.45 20.20
C ASP C 167 5.84 9.48 19.33
N VAL C 168 6.95 9.99 18.77
CA VAL C 168 7.87 9.18 17.99
C VAL C 168 9.16 9.05 18.81
N PRO C 169 9.58 7.82 19.16
CA PRO C 169 10.82 7.74 19.91
C PRO C 169 11.99 8.32 19.12
N TYR C 170 12.87 9.04 19.81
CA TYR C 170 14.01 9.76 19.21
C TYR C 170 15.28 9.35 19.95
N LEU C 171 16.25 8.79 19.23
CA LEU C 171 17.54 8.40 19.83
C LEU C 171 18.60 9.46 19.50
N ASP C 172 19.18 10.03 20.53
CA ASP C 172 20.20 11.01 20.31
C ASP C 172 21.57 10.32 20.36
N VAL C 173 22.13 10.05 19.18
CA VAL C 173 23.47 9.42 19.11
C VAL C 173 24.62 10.43 19.22
N PHE C 174 24.27 11.71 19.10
CA PHE C 174 25.28 12.74 18.91
C PHE C 174 26.31 12.73 20.05
N PRO C 175 25.87 12.87 21.29
CA PRO C 175 26.83 12.87 22.39
C PRO C 175 27.66 11.60 22.57
N LEU C 176 27.08 10.41 22.35
CA LEU C 176 27.91 9.20 22.45
C LEU C 176 28.89 8.99 21.29
N LEU C 177 28.71 9.73 20.19
CA LEU C 177 29.62 9.66 19.04
C LEU C 177 30.51 10.90 18.90
N GLU C 178 30.39 11.83 19.83
CA GLU C 178 31.18 13.04 19.78
C GLU C 178 32.63 12.70 20.16
N LYS C 179 33.56 13.58 19.80
CA LYS C 179 34.97 13.43 20.15
C LYS C 179 35.08 13.11 21.64
N PRO C 180 35.82 12.05 21.98
CA PRO C 180 36.52 11.13 21.11
C PRO C 180 35.68 9.90 20.81
N SER C 181 35.73 9.40 19.58
CA SER C 181 34.95 8.23 19.22
C SER C 181 35.57 7.52 18.06
N VAL C 182 35.22 6.26 17.89
CA VAL C 182 35.66 5.54 16.72
C VAL C 182 35.05 6.17 15.48
N TRP C 183 33.79 6.55 15.60
CA TRP C 183 33.06 7.25 14.59
C TRP C 183 33.86 8.41 13.96
N LEU C 184 34.31 9.33 14.78
CA LEU C 184 34.98 10.48 14.24
C LEU C 184 36.44 10.22 13.88
N HIS C 185 37.13 9.34 14.62
CA HIS C 185 38.50 8.98 14.28
C HIS C 185 38.54 8.36 12.88
N GLU C 186 37.63 7.43 12.65
CA GLU C 186 37.51 6.80 11.32
C GLU C 186 37.11 7.74 10.24
N ALA C 187 36.11 8.59 10.50
CA ALA C 187 35.70 9.60 9.54
C ALA C 187 36.87 10.47 9.10
N LYS C 188 37.60 11.00 10.07
CA LYS C 188 38.69 11.88 9.76
C LYS C 188 39.79 11.17 8.96
N ALA C 189 40.04 9.90 9.26
CA ALA C 189 41.08 9.13 8.59
C ALA C 189 40.66 8.64 7.19
N ASN C 190 39.40 8.82 6.86
CA ASN C 190 38.85 8.41 5.59
C ASN C 190 38.69 9.66 4.73
N ASP C 191 37.45 10.10 4.52
CA ASP C 191 37.18 11.27 3.64
C ASP C 191 36.78 12.51 4.41
N GLY C 192 36.95 12.45 5.75
CA GLY C 192 36.51 13.51 6.67
C GLY C 192 35.08 13.39 7.18
N VAL C 193 34.32 12.45 6.61
CA VAL C 193 32.87 12.43 6.83
C VAL C 193 32.35 11.06 7.24
N HIS C 194 32.77 10.03 6.52
CA HIS C 194 32.16 8.72 6.66
C HIS C 194 33.15 7.79 7.37
N PRO C 195 32.69 7.14 8.45
CA PRO C 195 33.54 6.20 9.11
C PRO C 195 33.47 4.88 8.36
N GLN C 196 34.11 3.86 8.94
CA GLN C 196 34.15 2.53 8.31
C GLN C 196 33.59 1.51 9.27
N ALA C 197 34.10 0.29 9.27
CA ALA C 197 33.41 -0.74 10.04
C ALA C 197 33.33 -0.45 11.54
N GLY C 198 34.41 0.04 12.15
CA GLY C 198 34.43 0.23 13.62
C GLY C 198 33.44 1.30 14.02
N GLY C 199 33.35 2.36 13.21
CA GLY C 199 32.45 3.47 13.49
C GLY C 199 30.99 3.05 13.38
N TYR C 200 30.65 2.33 12.31
CA TYR C 200 29.27 1.88 12.12
C TYR C 200 28.85 0.81 13.15
N THR C 201 29.82 0.03 13.61
CA THR C 201 29.58 -0.90 14.73
C THR C 201 29.26 -0.14 16.03
N GLU C 202 30.00 0.93 16.27
CA GLU C 202 29.79 1.78 17.45
C GLU C 202 28.36 2.35 17.45
N PHE C 203 27.95 2.90 16.31
CA PHE C 203 26.59 3.43 16.16
C PHE C 203 25.59 2.27 16.41
N ALA C 204 25.78 1.16 15.72
CA ALA C 204 24.83 0.02 15.86
C ALA C 204 24.65 -0.40 17.33
N ARG C 205 25.74 -0.40 18.10
CA ARG C 205 25.64 -0.78 19.52
C ARG C 205 24.76 0.17 20.31
N ILE C 206 24.75 1.45 19.96
CA ILE C 206 23.87 2.39 20.62
C ILE C 206 22.41 1.99 20.30
N VAL C 207 22.13 1.70 19.03
CA VAL C 207 20.75 1.41 18.63
C VAL C 207 20.34 0.07 19.26
N GLU C 208 21.26 -0.88 19.30
CA GLU C 208 20.96 -2.23 19.84
C GLU C 208 20.58 -2.19 21.31
N ASN C 209 20.99 -1.16 22.02
CA ASN C 209 20.70 -1.04 23.44
C ASN C 209 19.60 -0.04 23.75
N TRP C 210 18.91 0.43 22.69
CA TRP C 210 17.85 1.42 22.82
C TRP C 210 16.53 0.74 23.08
N ASP C 211 15.90 1.06 24.19
CA ASP C 211 14.65 0.39 24.58
C ASP C 211 13.60 0.44 23.48
N ALA C 212 13.50 1.57 22.78
CA ALA C 212 12.46 1.71 21.77
C ALA C 212 12.72 0.82 20.56
N TRP C 213 14.00 0.56 20.28
CA TRP C 213 14.35 -0.41 19.24
C TRP C 213 14.06 -1.83 19.71
N LEU C 214 14.47 -2.15 20.92
CA LEU C 214 14.29 -3.48 21.48
C LEU C 214 12.80 -3.82 21.65
N ASN C 215 12.01 -2.82 22.00
CA ASN C 215 10.65 -3.06 22.40
C ASN C 215 9.70 -3.01 21.26
N TRP C 216 10.21 -2.66 20.09
CA TRP C 216 9.50 -2.96 18.88
C TRP C 216 9.56 -4.54 18.63
N PHE C 217 10.57 -5.22 19.23
CA PHE C 217 10.87 -6.63 19.02
N LYS D 18 36.61 2.30 -13.29
CA LYS D 18 37.20 3.28 -12.32
C LYS D 18 36.59 3.09 -10.93
N THR D 19 36.90 4.02 -10.03
CA THR D 19 36.47 3.94 -8.66
C THR D 19 35.22 4.81 -8.38
N GLN D 20 34.68 4.69 -7.17
CA GLN D 20 33.48 5.38 -6.74
C GLN D 20 32.25 5.14 -7.63
N ILE D 21 32.06 3.90 -8.04
CA ILE D 21 30.91 3.55 -8.82
C ILE D 21 29.78 3.43 -7.81
N ARG D 22 28.66 4.03 -8.16
CA ARG D 22 27.42 3.85 -7.42
C ARG D 22 26.64 2.84 -8.21
N ILE D 23 26.21 1.79 -7.53
CA ILE D 23 25.49 0.69 -8.15
C ILE D 23 24.11 0.54 -7.53
N CYS D 24 23.07 0.61 -8.35
CA CYS D 24 21.73 0.24 -7.94
C CYS D 24 21.39 -1.15 -8.43
N PHE D 25 20.98 -2.01 -7.50
CA PHE D 25 20.47 -3.32 -7.82
C PHE D 25 18.94 -3.31 -7.72
N VAL D 26 18.27 -3.65 -8.81
CA VAL D 26 16.81 -3.55 -8.88
C VAL D 26 16.19 -4.90 -9.20
N GLY D 27 15.30 -5.35 -8.32
CA GLY D 27 14.54 -6.56 -8.62
C GLY D 27 13.68 -7.01 -7.48
N ASP D 28 13.64 -8.32 -7.27
CA ASP D 28 12.69 -8.94 -6.34
C ASP D 28 13.41 -9.42 -5.07
N SER D 29 12.90 -10.46 -4.41
CA SER D 29 13.46 -10.93 -3.13
C SER D 29 14.93 -11.32 -3.24
N PHE D 30 15.31 -11.89 -4.39
CA PHE D 30 16.65 -12.36 -4.55
C PHE D 30 17.64 -11.23 -4.69
N VAL D 31 17.20 -10.06 -5.19
CA VAL D 31 18.03 -8.85 -5.17
C VAL D 31 18.10 -8.32 -3.74
N ASN D 32 16.97 -8.27 -3.07
CA ASN D 32 16.93 -7.88 -1.67
C ASN D 32 17.84 -8.78 -0.80
N GLY D 33 17.99 -10.06 -1.15
CA GLY D 33 18.75 -10.98 -0.31
C GLY D 33 17.93 -11.59 0.81
N THR D 34 16.62 -11.69 0.56
CA THR D 34 15.70 -12.27 1.53
C THR D 34 16.20 -13.67 1.88
N GLY D 35 16.23 -13.96 3.17
CA GLY D 35 16.71 -15.25 3.64
C GLY D 35 18.13 -15.24 4.19
N ASP D 36 18.94 -14.25 3.80
CA ASP D 36 20.37 -14.23 4.20
C ASP D 36 20.45 -13.64 5.59
N PRO D 37 20.88 -14.45 6.56
CA PRO D 37 20.98 -13.88 7.90
C PRO D 37 22.10 -12.84 8.05
N GLU D 38 23.01 -12.76 7.09
CA GLU D 38 24.14 -11.80 7.12
C GLU D 38 23.74 -10.48 6.48
N CYS D 39 22.51 -10.45 5.96
CA CYS D 39 21.91 -9.26 5.38
C CYS D 39 22.67 -8.63 4.21
N LEU D 40 23.30 -9.47 3.38
CA LEU D 40 24.02 -8.98 2.21
C LEU D 40 23.38 -9.41 0.90
N GLY D 41 22.85 -10.66 0.86
CA GLY D 41 22.38 -11.24 -0.38
C GLY D 41 23.57 -11.46 -1.31
N TRP D 42 23.34 -11.68 -2.60
CA TRP D 42 24.47 -11.74 -3.50
C TRP D 42 24.98 -10.36 -3.82
N THR D 43 24.07 -9.40 -3.81
CA THR D 43 24.40 -8.00 -4.18
C THR D 43 25.41 -7.36 -3.22
N GLY D 44 25.19 -7.52 -1.93
CA GLY D 44 26.10 -6.98 -0.95
C GLY D 44 27.46 -7.67 -1.05
N ARG D 45 27.42 -8.98 -1.32
CA ARG D 45 28.66 -9.74 -1.44
C ARG D 45 29.51 -9.30 -2.62
N VAL D 46 28.90 -9.02 -3.76
CA VAL D 46 29.71 -8.57 -4.90
C VAL D 46 30.28 -7.14 -4.64
N CYS D 47 29.56 -6.32 -3.88
CA CYS D 47 30.06 -5.00 -3.55
C CYS D 47 31.20 -5.09 -2.56
N VAL D 48 31.11 -6.01 -1.61
CA VAL D 48 32.17 -6.24 -0.67
C VAL D 48 33.44 -6.71 -1.41
N ASN D 49 33.26 -7.64 -2.33
CA ASN D 49 34.38 -8.12 -3.11
C ASN D 49 35.03 -7.02 -4.01
N ALA D 50 34.22 -6.17 -4.62
CA ALA D 50 34.72 -5.04 -5.41
C ALA D 50 35.48 -4.05 -4.53
N ASN D 51 34.96 -3.83 -3.32
CA ASN D 51 35.60 -2.98 -2.33
C ASN D 51 36.96 -3.47 -1.97
N LYS D 52 37.14 -4.78 -1.84
CA LYS D 52 38.45 -5.35 -1.51
C LYS D 52 39.47 -5.05 -2.59
N LYS D 53 39.00 -4.98 -3.84
CA LYS D 53 39.87 -4.69 -4.98
C LYS D 53 40.13 -3.19 -5.17
N GLY D 54 39.65 -2.38 -4.23
CA GLY D 54 39.98 -0.96 -4.19
C GLY D 54 38.93 -0.12 -4.89
N TYR D 55 37.91 -0.76 -5.41
CA TYR D 55 36.84 0.02 -5.90
C TYR D 55 36.35 0.53 -4.53
N ASP D 56 35.54 1.56 -4.57
CA ASP D 56 35.02 2.19 -3.39
C ASP D 56 33.56 2.37 -3.79
N VAL D 57 32.84 1.29 -3.70
CA VAL D 57 31.49 1.20 -4.24
C VAL D 57 30.49 1.87 -3.32
N THR D 58 29.49 2.54 -3.89
CA THR D 58 28.25 2.89 -3.16
C THR D 58 27.16 1.86 -3.53
N TYR D 59 26.69 1.14 -2.54
CA TYR D 59 25.81 0.01 -2.70
C TYR D 59 24.36 0.46 -2.46
N TYR D 60 23.53 0.41 -3.50
CA TYR D 60 22.09 0.72 -3.33
C TYR D 60 21.25 -0.48 -3.72
N ASN D 61 20.66 -1.09 -2.70
CA ASN D 61 19.78 -2.21 -2.90
C ASN D 61 18.34 -1.73 -3.00
N LEU D 62 17.75 -1.98 -4.16
CA LEU D 62 16.36 -1.67 -4.43
C LEU D 62 15.55 -2.91 -4.80
N GLY D 63 15.84 -4.03 -4.17
CA GLY D 63 15.01 -5.23 -4.36
C GLY D 63 13.78 -5.16 -3.47
N ILE D 64 12.66 -5.64 -3.97
CA ILE D 64 11.43 -5.71 -3.20
C ILE D 64 10.81 -7.06 -3.31
N ARG D 65 10.52 -7.65 -2.17
CA ARG D 65 9.80 -8.94 -2.15
C ARG D 65 8.47 -8.87 -2.95
N ARG D 66 8.21 -9.97 -3.67
CA ARG D 66 7.06 -10.14 -4.54
C ARG D 66 7.05 -9.34 -5.83
N ASP D 67 8.05 -8.48 -6.07
CA ASP D 67 8.01 -7.60 -7.27
C ASP D 67 8.04 -8.43 -8.58
N THR D 68 7.13 -8.06 -9.47
CA THR D 68 7.15 -8.48 -10.84
C THR D 68 7.76 -7.41 -11.75
N SER D 69 8.02 -7.78 -13.01
CA SER D 69 8.39 -6.80 -14.05
C SER D 69 7.42 -5.61 -14.15
N SER D 70 6.14 -5.82 -13.84
CA SER D 70 5.17 -4.70 -13.83
C SER D 70 5.48 -3.72 -12.69
N ASP D 71 5.68 -4.27 -11.50
CA ASP D 71 6.03 -3.48 -10.34
C ASP D 71 7.30 -2.71 -10.61
N ILE D 72 8.25 -3.38 -11.24
CA ILE D 72 9.56 -2.79 -11.51
C ILE D 72 9.49 -1.73 -12.60
N ALA D 73 8.74 -2.03 -13.65
CA ALA D 73 8.53 -1.07 -14.73
C ALA D 73 7.97 0.24 -14.16
N LYS D 74 7.06 0.16 -13.20
CA LYS D 74 6.42 1.36 -12.63
C LYS D 74 7.32 2.20 -11.72
N ARG D 75 8.17 1.58 -10.88
CA ARG D 75 8.91 2.34 -9.90
C ARG D 75 10.37 2.62 -10.25
N TRP D 76 10.96 1.89 -11.20
CA TRP D 76 12.43 1.81 -11.20
C TRP D 76 13.07 3.17 -11.49
N LEU D 77 12.54 3.94 -12.44
CA LEU D 77 13.23 5.15 -12.85
C LEU D 77 13.19 6.19 -11.73
N GLN D 78 12.02 6.38 -11.13
CA GLN D 78 11.87 7.37 -10.08
C GLN D 78 12.69 7.04 -8.86
N GLU D 79 12.99 5.75 -8.63
CA GLU D 79 13.88 5.36 -7.56
C GLU D 79 15.36 5.47 -7.93
N VAL D 80 15.74 4.83 -9.02
CA VAL D 80 17.15 4.76 -9.42
C VAL D 80 17.73 6.15 -9.73
N SER D 81 16.90 7.02 -10.29
CA SER D 81 17.41 8.31 -10.74
C SER D 81 17.76 9.26 -9.59
N LEU D 82 17.27 8.96 -8.39
CA LEU D 82 17.69 9.71 -7.22
C LEU D 82 18.98 9.17 -6.65
N ARG D 83 19.36 7.95 -7.02
CA ARG D 83 20.64 7.36 -6.58
C ARG D 83 21.76 7.58 -7.59
N LEU D 84 21.41 7.44 -8.86
CA LEU D 84 22.38 7.51 -9.97
C LEU D 84 22.17 8.84 -10.67
N HIS D 85 22.99 9.80 -10.34
CA HIS D 85 22.87 11.10 -11.00
C HIS D 85 23.77 11.07 -12.21
N LYS D 86 23.39 11.86 -13.22
CA LYS D 86 24.03 11.81 -14.52
C LYS D 86 25.54 12.00 -14.40
N GLU D 87 25.94 12.85 -13.43
CA GLU D 87 27.34 13.21 -13.23
C GLU D 87 28.21 12.05 -12.70
N TYR D 88 27.57 11.13 -11.97
CA TYR D 88 28.31 10.04 -11.32
C TYR D 88 28.65 8.90 -12.28
N ASN D 89 29.71 8.17 -11.94
CA ASN D 89 29.93 6.87 -12.50
C ASN D 89 28.88 5.95 -11.86
N SER D 90 28.08 5.34 -12.71
CA SER D 90 26.87 4.69 -12.29
C SER D 90 26.76 3.32 -12.96
N LEU D 91 26.04 2.41 -12.31
CA LEU D 91 25.72 1.12 -12.91
C LEU D 91 24.37 0.71 -12.39
N VAL D 92 23.50 0.21 -13.26
CA VAL D 92 22.26 -0.38 -12.79
C VAL D 92 22.20 -1.85 -13.22
N VAL D 93 21.77 -2.67 -12.26
CA VAL D 93 21.72 -4.11 -12.46
C VAL D 93 20.31 -4.56 -12.17
N PHE D 94 19.63 -5.14 -13.19
CA PHE D 94 18.30 -5.71 -13.02
C PHE D 94 18.31 -7.23 -12.88
N SER D 95 17.44 -7.75 -12.02
CA SER D 95 17.19 -9.20 -11.93
C SER D 95 15.79 -9.41 -11.42
N PHE D 96 14.95 -9.86 -12.33
CA PHE D 96 13.56 -10.12 -12.03
C PHE D 96 12.96 -11.14 -13.01
N GLY D 97 11.74 -11.59 -12.70
CA GLY D 97 11.00 -12.46 -13.62
C GLY D 97 10.31 -13.59 -12.94
N LEU D 98 10.94 -14.09 -11.89
CA LEU D 98 10.38 -15.19 -11.15
C LEU D 98 8.93 -14.98 -10.75
N ASN D 99 8.62 -13.80 -10.22
CA ASN D 99 7.29 -13.52 -9.68
C ASN D 99 6.27 -13.36 -10.80
N ASP D 100 6.74 -12.93 -11.98
CA ASP D 100 5.85 -12.79 -13.13
C ASP D 100 5.19 -14.16 -13.39
N THR D 101 5.96 -15.23 -13.25
CA THR D 101 5.41 -16.52 -13.65
CA THR D 101 5.53 -16.59 -13.59
C THR D 101 4.75 -17.30 -12.51
N THR D 102 4.64 -16.69 -11.32
CA THR D 102 3.86 -17.29 -10.23
C THR D 102 2.43 -17.44 -10.70
N LEU D 103 1.82 -18.62 -10.46
CA LEU D 103 0.45 -18.83 -10.83
C LEU D 103 -0.46 -18.35 -9.72
N GLU D 104 -1.39 -17.46 -10.06
CA GLU D 104 -2.41 -17.00 -9.09
C GLU D 104 -3.68 -17.23 -9.78
N ASN D 105 -4.58 -17.97 -9.16
CA ASN D 105 -5.83 -18.33 -9.77
C ASN D 105 -5.62 -19.00 -11.15
N GLY D 106 -4.59 -19.83 -11.26
CA GLY D 106 -4.34 -20.61 -12.49
C GLY D 106 -3.63 -19.89 -13.67
N LYS D 107 -3.33 -18.59 -13.51
CA LYS D 107 -2.71 -17.78 -14.56
C LYS D 107 -1.50 -17.06 -13.97
N PRO D 108 -0.46 -16.83 -14.80
CA PRO D 108 0.66 -16.09 -14.24
C PRO D 108 0.31 -14.69 -13.83
N ARG D 109 1.02 -14.19 -12.84
CA ARG D 109 0.74 -12.86 -12.32
C ARG D 109 0.93 -11.84 -13.42
N VAL D 110 1.90 -12.07 -14.31
CA VAL D 110 2.13 -11.21 -15.46
C VAL D 110 2.24 -12.15 -16.70
N SER D 111 1.50 -11.85 -17.77
CA SER D 111 1.57 -12.67 -19.00
C SER D 111 2.96 -12.55 -19.58
N ILE D 112 3.39 -13.56 -20.33
CA ILE D 112 4.71 -13.54 -20.92
C ILE D 112 4.84 -12.37 -21.89
N ALA D 113 3.76 -12.04 -22.59
CA ALA D 113 3.76 -10.87 -23.47
C ALA D 113 4.02 -9.58 -22.68
N GLU D 114 3.33 -9.42 -21.56
CA GLU D 114 3.58 -8.26 -20.71
C GLU D 114 4.99 -8.28 -20.10
N THR D 115 5.47 -9.46 -19.69
CA THR D 115 6.85 -9.54 -19.19
C THR D 115 7.82 -8.96 -20.24
N ILE D 116 7.59 -9.32 -21.51
CA ILE D 116 8.50 -8.90 -22.58
C ILE D 116 8.36 -7.41 -22.78
N LYS D 117 7.12 -6.93 -22.89
CA LYS D 117 6.88 -5.51 -23.07
C LYS D 117 7.50 -4.70 -21.93
N ASN D 118 7.31 -5.16 -20.69
CA ASN D 118 7.91 -4.49 -19.51
C ASN D 118 9.42 -4.46 -19.58
N THR D 119 10.02 -5.58 -19.94
CA THR D 119 11.48 -5.71 -19.98
C THR D 119 12.07 -4.76 -21.02
N ARG D 120 11.46 -4.74 -22.20
CA ARG D 120 11.92 -3.85 -23.28
C ARG D 120 11.86 -2.39 -22.87
N GLU D 121 10.73 -2.00 -22.28
CA GLU D 121 10.52 -0.63 -21.78
C GLU D 121 11.57 -0.24 -20.72
N ILE D 122 11.80 -1.11 -19.75
CA ILE D 122 12.79 -0.86 -18.67
C ILE D 122 14.18 -0.67 -19.25
N LEU D 123 14.59 -1.66 -20.05
CA LEU D 123 15.94 -1.70 -20.60
C LEU D 123 16.22 -0.62 -21.63
N THR D 124 15.23 -0.29 -22.46
CA THR D 124 15.40 0.74 -23.48
C THR D 124 15.64 2.07 -22.76
N GLN D 125 14.85 2.34 -21.73
CA GLN D 125 15.02 3.60 -20.99
C GLN D 125 16.31 3.61 -20.21
N ALA D 126 16.63 2.50 -19.57
CA ALA D 126 17.86 2.40 -18.75
C ALA D 126 19.13 2.58 -19.57
N LYS D 127 19.15 1.96 -20.75
CA LYS D 127 20.30 1.99 -21.63
C LYS D 127 20.60 3.42 -22.08
N LYS D 128 19.56 4.25 -22.17
CA LYS D 128 19.72 5.66 -22.53
C LYS D 128 20.45 6.47 -21.45
N LEU D 129 20.44 5.98 -20.21
CA LEU D 129 20.87 6.77 -19.04
C LEU D 129 22.11 6.24 -18.31
N TYR D 130 22.15 4.92 -18.14
CA TYR D 130 23.20 4.30 -17.32
C TYR D 130 23.71 3.02 -18.00
N PRO D 131 24.95 2.62 -17.68
CA PRO D 131 25.40 1.26 -17.96
C PRO D 131 24.47 0.29 -17.28
N VAL D 132 24.08 -0.75 -18.01
CA VAL D 132 23.06 -1.69 -17.52
C VAL D 132 23.46 -3.17 -17.75
N LEU D 133 23.19 -3.97 -16.72
CA LEU D 133 23.37 -5.42 -16.73
C LEU D 133 22.06 -6.05 -16.28
N MSE D 134 21.77 -7.22 -16.82
CA MSE D 134 20.67 -8.03 -16.35
C MSE D 134 21.06 -9.44 -15.95
O MSE D 134 21.89 -10.10 -16.60
CB MSE D 134 19.59 -8.12 -17.40
CG MSE D 134 18.38 -8.84 -16.88
SE MSE D 134 16.82 -8.58 -17.99
CE MSE D 134 15.50 -8.32 -16.63
N ILE D 135 20.44 -9.94 -14.90
CA ILE D 135 20.73 -11.27 -14.39
C ILE D 135 19.44 -12.09 -14.33
N SER D 136 19.54 -13.36 -14.74
CA SER D 136 18.33 -14.19 -14.91
C SER D 136 17.66 -14.48 -13.59
N PRO D 137 16.39 -14.98 -13.64
CA PRO D 137 15.82 -15.59 -12.47
C PRO D 137 16.64 -16.78 -12.00
N ALA D 138 16.54 -17.04 -10.70
CA ALA D 138 17.24 -18.12 -10.03
C ALA D 138 16.22 -19.23 -9.78
N PRO D 139 16.71 -20.45 -9.52
CA PRO D 139 15.82 -21.58 -9.32
C PRO D 139 14.92 -21.46 -8.10
N TYR D 140 13.72 -22.02 -8.26
CA TYR D 140 12.75 -22.10 -7.21
C TYR D 140 11.92 -23.36 -7.51
N ILE D 141 11.84 -24.26 -6.53
CA ILE D 141 11.04 -25.45 -6.64
C ILE D 141 9.90 -25.40 -5.64
N GLU D 142 8.70 -25.70 -6.11
CA GLU D 142 7.47 -25.68 -5.32
C GLU D 142 6.61 -26.90 -5.69
N GLN D 143 6.40 -27.79 -4.72
CA GLN D 143 5.66 -29.05 -4.93
C GLN D 143 4.26 -28.87 -5.58
N GLN D 144 3.54 -27.85 -5.15
CA GLN D 144 2.26 -27.44 -5.76
C GLN D 144 2.36 -27.12 -7.27
N ASP D 145 3.53 -26.67 -7.71
CA ASP D 145 3.68 -26.13 -9.05
C ASP D 145 4.83 -26.80 -9.80
N PRO D 146 4.63 -28.04 -10.23
CA PRO D 146 5.64 -28.77 -11.00
C PRO D 146 6.11 -28.06 -12.25
N GLY D 147 5.23 -27.25 -12.83
CA GLY D 147 5.55 -26.51 -14.06
C GLY D 147 6.45 -25.31 -13.88
N ARG D 148 6.74 -24.93 -12.65
CA ARG D 148 7.48 -23.70 -12.36
C ARG D 148 8.82 -23.64 -13.07
N ARG D 149 9.61 -24.70 -12.97
CA ARG D 149 10.93 -24.73 -13.63
C ARG D 149 10.83 -24.44 -15.12
N ARG D 150 9.94 -25.17 -15.79
CA ARG D 150 9.73 -24.92 -17.23
C ARG D 150 9.30 -23.48 -17.54
N ARG D 151 8.31 -22.96 -16.79
CA ARG D 151 7.87 -21.56 -17.03
C ARG D 151 9.01 -20.53 -16.84
N THR D 152 9.86 -20.81 -15.87
CA THR D 152 11.02 -19.96 -15.61
C THR D 152 12.05 -20.02 -16.72
N ILE D 153 12.30 -21.20 -17.25
CA ILE D 153 13.25 -21.36 -18.35
C ILE D 153 12.72 -20.60 -19.57
N ASP D 154 11.44 -20.80 -19.86
CA ASP D 154 10.79 -20.13 -21.00
C ASP D 154 10.86 -18.61 -20.83
N LEU D 155 10.57 -18.12 -19.64
CA LEU D 155 10.62 -16.69 -19.39
C LEU D 155 12.03 -16.16 -19.51
N SER D 156 13.00 -16.88 -18.95
CA SER D 156 14.41 -16.47 -19.08
C SER D 156 14.87 -16.41 -20.56
N GLN D 157 14.40 -17.34 -21.38
CA GLN D 157 14.76 -17.35 -22.80
C GLN D 157 14.25 -16.08 -23.47
N GLN D 158 13.03 -15.68 -23.12
CA GLN D 158 12.46 -14.44 -23.63
C GLN D 158 13.24 -13.21 -23.19
N LEU D 159 13.68 -13.20 -21.93
CA LEU D 159 14.48 -12.08 -21.39
C LEU D 159 15.78 -11.97 -22.13
N ALA D 160 16.45 -13.11 -22.32
CA ALA D 160 17.69 -13.18 -23.09
C ALA D 160 17.55 -12.61 -24.52
N LEU D 161 16.44 -12.92 -25.19
CA LEU D 161 16.18 -12.38 -26.55
C LEU D 161 16.03 -10.86 -26.52
N VAL D 162 15.32 -10.35 -25.51
CA VAL D 162 15.18 -8.91 -25.37
C VAL D 162 16.54 -8.26 -25.15
N CYS D 163 17.32 -8.80 -24.23
CA CYS D 163 18.64 -8.27 -23.94
C CYS D 163 19.57 -8.34 -25.17
N GLN D 164 19.50 -9.43 -25.89
CA GLN D 164 20.29 -9.58 -27.12
C GLN D 164 19.92 -8.47 -28.12
N ASP D 165 18.61 -8.24 -28.28
CA ASP D 165 18.12 -7.26 -29.22
C ASP D 165 18.56 -5.86 -28.81
N LEU D 166 18.65 -5.62 -27.51
CA LEU D 166 19.00 -4.32 -26.99
C LEU D 166 20.47 -4.17 -26.60
N ASP D 167 21.27 -5.21 -26.79
CA ASP D 167 22.70 -5.14 -26.47
C ASP D 167 22.93 -4.92 -24.97
N VAL D 168 22.16 -5.63 -24.13
CA VAL D 168 22.34 -5.60 -22.70
C VAL D 168 22.91 -6.95 -22.28
N PRO D 169 24.06 -6.96 -21.57
CA PRO D 169 24.58 -8.22 -21.08
C PRO D 169 23.61 -8.93 -20.18
N TYR D 170 23.39 -10.23 -20.41
CA TYR D 170 22.44 -11.03 -19.62
C TYR D 170 23.17 -12.25 -19.05
N LEU D 171 23.16 -12.39 -17.73
CA LEU D 171 23.81 -13.52 -17.08
C LEU D 171 22.75 -14.58 -16.73
N ASP D 172 22.99 -15.80 -17.18
CA ASP D 172 22.12 -16.91 -16.84
C ASP D 172 22.73 -17.65 -15.65
N VAL D 173 22.19 -17.39 -14.47
CA VAL D 173 22.64 -18.08 -13.23
C VAL D 173 21.90 -19.38 -12.94
N PHE D 174 20.87 -19.64 -13.73
CA PHE D 174 19.93 -20.70 -13.44
C PHE D 174 20.60 -22.08 -13.43
N PRO D 175 21.30 -22.46 -14.51
CA PRO D 175 21.92 -23.76 -14.46
C PRO D 175 22.94 -23.92 -13.35
N LEU D 176 23.73 -22.89 -13.07
CA LEU D 176 24.74 -23.03 -12.00
C LEU D 176 24.20 -23.01 -10.57
N LEU D 177 22.92 -22.68 -10.38
CA LEU D 177 22.31 -22.75 -9.04
C LEU D 177 21.34 -23.91 -8.87
N GLU D 178 21.18 -24.71 -9.92
CA GLU D 178 20.51 -26.00 -9.79
C GLU D 178 21.41 -26.98 -9.05
N LYS D 179 20.86 -28.09 -8.59
CA LYS D 179 21.62 -29.02 -7.78
C LYS D 179 22.75 -29.54 -8.65
N PRO D 180 23.94 -29.74 -8.06
CA PRO D 180 24.29 -29.82 -6.64
C PRO D 180 24.71 -28.52 -5.90
N SER D 181 24.44 -27.35 -6.48
CA SER D 181 24.55 -26.08 -5.73
C SER D 181 23.67 -26.16 -4.47
N VAL D 182 24.10 -25.47 -3.41
CA VAL D 182 23.35 -25.49 -2.15
C VAL D 182 22.07 -24.64 -2.21
N TRP D 183 21.93 -23.82 -3.25
CA TRP D 183 20.82 -22.87 -3.40
C TRP D 183 19.46 -23.49 -3.04
N LEU D 184 19.02 -24.49 -3.81
CA LEU D 184 17.72 -25.11 -3.56
C LEU D 184 17.61 -25.87 -2.25
N HIS D 185 18.71 -26.38 -1.76
CA HIS D 185 18.72 -27.12 -0.50
C HIS D 185 18.47 -26.13 0.65
N GLU D 186 19.15 -24.99 0.63
CA GLU D 186 18.95 -23.99 1.68
C GLU D 186 17.55 -23.41 1.60
N ALA D 187 17.08 -23.15 0.40
CA ALA D 187 15.71 -22.65 0.23
C ALA D 187 14.76 -23.63 0.89
N LYS D 188 14.94 -24.94 0.63
CA LYS D 188 14.03 -25.93 1.17
C LYS D 188 14.05 -25.96 2.70
N ALA D 189 15.24 -25.92 3.30
CA ALA D 189 15.40 -25.92 4.76
C ALA D 189 14.89 -24.63 5.44
N ASN D 190 14.82 -23.54 4.67
CA ASN D 190 14.37 -22.26 5.17
C ASN D 190 12.86 -22.11 4.95
N ASP D 191 12.42 -21.34 3.96
CA ASP D 191 10.97 -21.11 3.82
C ASP D 191 10.43 -21.70 2.52
N GLY D 192 11.23 -22.57 1.87
CA GLY D 192 10.91 -23.15 0.58
C GLY D 192 11.34 -22.35 -0.64
N VAL D 193 11.72 -21.08 -0.45
CA VAL D 193 12.02 -20.18 -1.57
C VAL D 193 13.40 -19.49 -1.50
N HIS D 194 13.75 -19.03 -0.31
CA HIS D 194 14.87 -18.13 -0.11
C HIS D 194 16.02 -18.87 0.55
N PRO D 195 17.18 -18.88 -0.13
CA PRO D 195 18.33 -19.52 0.44
C PRO D 195 18.92 -18.62 1.50
N GLN D 196 20.06 -19.07 2.04
CA GLN D 196 20.79 -18.32 3.06
C GLN D 196 22.21 -17.94 2.59
N ALA D 197 23.14 -17.77 3.50
CA ALA D 197 24.48 -17.28 3.15
C ALA D 197 25.16 -18.09 2.03
N GLY D 198 25.09 -19.42 2.08
CA GLY D 198 25.80 -20.25 1.16
C GLY D 198 25.24 -20.08 -0.23
N GLY D 199 23.90 -20.00 -0.34
CA GLY D 199 23.25 -19.88 -1.62
C GLY D 199 23.61 -18.55 -2.26
N TYR D 200 23.54 -17.46 -1.49
CA TYR D 200 23.84 -16.17 -2.00
C TYR D 200 25.32 -15.98 -2.31
N THR D 201 26.19 -16.73 -1.63
CA THR D 201 27.62 -16.76 -1.96
C THR D 201 27.88 -17.45 -3.31
N GLU D 202 27.18 -18.56 -3.56
CA GLU D 202 27.31 -19.20 -4.85
C GLU D 202 26.85 -18.26 -5.97
N PHE D 203 25.72 -17.59 -5.76
CA PHE D 203 25.21 -16.64 -6.75
C PHE D 203 26.29 -15.59 -6.99
N ALA D 204 26.80 -15.01 -5.91
CA ALA D 204 27.78 -13.93 -6.05
C ALA D 204 28.99 -14.38 -6.88
N ARG D 205 29.44 -15.61 -6.65
CA ARG D 205 30.61 -16.14 -7.34
C ARG D 205 30.36 -16.24 -8.84
N ILE D 206 29.14 -16.59 -9.22
CA ILE D 206 28.81 -16.63 -10.63
C ILE D 206 28.95 -15.21 -11.22
N VAL D 207 28.39 -14.21 -10.56
CA VAL D 207 28.46 -12.83 -11.04
C VAL D 207 29.91 -12.35 -11.15
N GLU D 208 30.73 -12.74 -10.18
CA GLU D 208 32.12 -12.34 -10.15
C GLU D 208 32.98 -12.93 -11.27
N ASN D 209 32.59 -14.07 -11.81
CA ASN D 209 33.31 -14.67 -12.91
C ASN D 209 32.74 -14.27 -14.26
N TRP D 210 31.69 -13.46 -14.24
CA TRP D 210 31.06 -12.95 -15.45
C TRP D 210 31.90 -11.82 -16.03
N ASP D 211 32.20 -11.92 -17.32
CA ASP D 211 33.08 -10.94 -17.96
C ASP D 211 32.46 -9.56 -18.00
N ALA D 212 31.13 -9.48 -18.16
CA ALA D 212 30.45 -8.19 -18.18
C ALA D 212 30.58 -7.47 -16.84
N TRP D 213 30.58 -8.24 -15.77
CA TRP D 213 30.84 -7.70 -14.43
C TRP D 213 32.30 -7.36 -14.28
N LEU D 214 33.15 -8.21 -14.81
CA LEU D 214 34.60 -8.02 -14.71
C LEU D 214 35.06 -6.79 -15.48
N ASN D 215 34.36 -6.46 -16.57
CA ASN D 215 34.57 -5.18 -17.24
C ASN D 215 34.75 -4.05 -16.27
N TRP D 216 33.91 -4.05 -15.24
CA TRP D 216 33.89 -3.01 -14.21
C TRP D 216 34.79 -3.31 -13.02
N PHE D 217 34.80 -4.55 -12.52
CA PHE D 217 35.41 -4.87 -11.22
C PHE D 217 36.43 -6.04 -11.15
N ARG D 218 37.30 -6.19 -12.16
CA ARG D 218 38.40 -7.20 -12.09
C ARG D 218 39.22 -7.11 -10.82
C1 UNL E . -9.88 -11.05 -3.70
C2 UNL E . -11.26 -11.33 -3.53
C6 UNL E . -11.55 -11.72 -2.19
C5 UNL E . -12.29 -12.96 -2.21
C4 UNL E . -12.02 -13.55 -3.58
C3 UNL E . -11.67 -12.43 -4.39
C1 IPA F . -32.11 -4.58 7.69
C2 IPA F . -31.77 -5.57 8.75
C3 IPA F . -30.28 -5.84 8.84
O2 IPA F . -32.53 -6.73 8.64
C1 IPA G . -33.10 -10.57 -4.88
C2 IPA G . -32.80 -10.85 -3.42
C3 IPA G . -34.09 -11.29 -2.75
O2 IPA G . -32.25 -9.68 -2.80
C1 UNL H . -24.36 14.19 5.30
C2 UNL H . -24.53 14.00 3.88
C6 UNL H . -23.45 14.68 3.18
C5 UNL H . -23.98 15.52 2.18
C4 UNL H . -25.47 15.57 2.43
C3 UNL H . -25.74 14.57 3.42
C1 UNL I . 25.91 12.57 2.00
C2 UNL I . 25.98 11.72 3.16
C6 UNL I . 24.87 11.98 4.03
C5 UNL I . 25.29 12.35 5.35
C4 UNL I . 26.79 12.45 5.25
C3 UNL I . 27.16 11.91 3.98
C1 IPA J . 28.35 -5.52 16.01
C2 IPA J . 27.11 -4.79 16.49
C3 IPA J . 26.82 -5.22 17.93
O2 IPA J . 26.04 -5.09 15.60
C1 UNL K . 9.20 -12.49 -3.28
C2 UNL K . 10.58 -12.80 -3.53
C6 UNL K . 10.89 -12.49 -4.91
C5 UNL K . 11.49 -13.63 -5.53
C4 UNL K . 11.18 -14.78 -4.60
C3 UNL K . 10.91 -14.20 -3.30
#